data_6MM4
#
_entry.id   6MM4
#
_entity_poly.entity_id   1
_entity_poly.type   'polypeptide(L)'
_entity_poly.pdbx_seq_one_letter_code
;GCPRPRGDNPPLTCSQDSDCLAGCVCGPNGFCG
;
_entity_poly.pdbx_strand_id   A
#
# COMPACT_ATOMS: atom_id res chain seq x y z
N GLY A 1 -7.53 -5.03 -4.91
CA GLY A 1 -6.26 -4.43 -4.66
C GLY A 1 -6.33 -2.93 -4.85
N CYS A 2 -5.20 -2.23 -4.81
CA CYS A 2 -5.15 -0.77 -4.95
C CYS A 2 -5.49 -0.30 -6.36
N PRO A 3 -5.86 0.99 -6.53
CA PRO A 3 -6.23 1.33 -7.91
C PRO A 3 -5.07 1.41 -8.89
N ARG A 4 -5.12 0.52 -9.88
CA ARG A 4 -4.11 0.33 -10.90
C ARG A 4 -2.65 0.79 -10.49
N PRO A 5 -1.95 0.01 -9.68
CA PRO A 5 -0.59 0.44 -9.38
C PRO A 5 0.39 0.12 -10.53
N ARG A 6 1.62 0.61 -10.48
CA ARG A 6 2.62 0.36 -11.54
C ARG A 6 3.94 0.28 -10.84
N GLY A 7 4.88 -0.44 -11.45
CA GLY A 7 6.20 -0.58 -10.86
C GLY A 7 7.11 0.58 -11.25
N ASP A 8 6.50 1.61 -11.82
CA ASP A 8 7.18 2.85 -12.16
C ASP A 8 7.16 3.74 -10.90
N ASN A 9 6.47 3.27 -9.88
CA ASN A 9 6.31 4.00 -8.63
C ASN A 9 6.76 3.14 -7.45
N PRO A 10 7.34 3.76 -6.40
CA PRO A 10 7.78 2.99 -5.23
C PRO A 10 6.61 2.53 -4.38
N PRO A 11 6.82 1.46 -3.58
CA PRO A 11 5.72 1.17 -2.66
C PRO A 11 5.61 2.21 -1.59
N LEU A 12 4.40 2.41 -1.05
CA LEU A 12 4.19 3.33 0.07
C LEU A 12 4.20 2.57 1.39
N THR A 13 4.62 3.23 2.48
CA THR A 13 4.64 2.59 3.78
C THR A 13 3.32 2.56 4.45
N CYS A 14 3.18 1.66 5.42
CA CYS A 14 2.00 1.63 6.27
C CYS A 14 2.40 1.05 7.63
N SER A 15 1.47 1.06 8.62
CA SER A 15 1.66 0.38 9.88
C SER A 15 0.36 -0.28 10.31
N GLN A 16 -0.74 0.22 9.77
CA GLN A 16 -2.05 -0.38 9.99
C GLN A 16 -2.73 -0.46 8.61
N ASP A 17 -3.80 -1.22 8.55
CA ASP A 17 -4.65 -1.32 7.35
C ASP A 17 -5.33 0.01 7.01
N SER A 18 -5.61 0.81 8.02
CA SER A 18 -6.28 2.10 7.79
C SER A 18 -5.37 3.16 7.12
N ASP A 19 -4.06 2.90 7.02
CA ASP A 19 -3.14 3.91 6.43
C ASP A 19 -3.31 3.97 4.94
N CYS A 20 -3.93 2.98 4.37
CA CYS A 20 -4.09 2.88 2.90
C CYS A 20 -5.51 3.16 2.38
N LEU A 21 -5.64 3.12 1.06
CA LEU A 21 -6.91 3.34 0.40
C LEU A 21 -7.73 2.05 0.53
N ALA A 22 -9.03 2.16 0.37
CA ALA A 22 -9.90 0.97 0.35
C ALA A 22 -9.40 0.04 -0.78
N GLY A 23 -9.43 -1.28 -0.53
CA GLY A 23 -8.87 -2.27 -1.47
C GLY A 23 -7.43 -2.68 -1.20
N CYS A 24 -6.72 -1.85 -0.46
CA CYS A 24 -5.30 -2.08 -0.15
C CYS A 24 -5.26 -2.69 1.23
N VAL A 25 -4.16 -3.34 1.56
CA VAL A 25 -3.96 -3.94 2.90
C VAL A 25 -2.56 -3.55 3.37
N CYS A 26 -2.24 -3.78 4.63
CA CYS A 26 -0.93 -3.43 5.14
C CYS A 26 -0.10 -4.71 5.44
N GLY A 27 1.08 -4.84 4.84
CA GLY A 27 1.84 -6.07 4.96
C GLY A 27 2.90 -6.11 6.08
N PRO A 28 3.60 -7.25 6.18
CA PRO A 28 4.63 -7.42 7.25
C PRO A 28 5.94 -6.67 7.04
N ASN A 29 6.21 -6.18 5.82
CA ASN A 29 7.45 -5.40 5.56
C ASN A 29 7.18 -3.91 5.87
N GLY A 30 5.99 -3.55 6.28
CA GLY A 30 5.67 -2.15 6.58
C GLY A 30 5.37 -1.35 5.32
N PHE A 31 5.04 -2.09 4.27
CA PHE A 31 4.64 -1.50 2.98
C PHE A 31 3.24 -1.97 2.68
N CYS A 32 2.47 -1.08 2.04
CA CYS A 32 1.10 -1.34 1.62
C CYS A 32 1.10 -2.22 0.38
N GLY A 33 0.06 -3.03 0.26
CA GLY A 33 -0.10 -4.00 -0.82
C GLY A 33 -1.56 -4.09 -1.23
N GLY A 1 -8.82 -0.26 -6.11
CA GLY A 1 -7.58 -0.46 -5.40
C GLY A 1 -6.74 0.79 -5.44
N CYS A 2 -5.45 0.69 -5.15
CA CYS A 2 -4.54 1.85 -5.09
C CYS A 2 -4.07 2.28 -6.47
N PRO A 3 -3.79 3.58 -6.67
CA PRO A 3 -3.46 3.97 -8.05
C PRO A 3 -2.05 3.64 -8.52
N ARG A 4 -1.85 3.55 -9.83
CA ARG A 4 -0.53 3.27 -10.40
C ARG A 4 -0.25 4.37 -11.45
N PRO A 5 0.07 5.63 -11.02
CA PRO A 5 0.33 6.72 -11.96
C PRO A 5 1.59 6.63 -12.80
N ARG A 6 2.57 5.86 -12.32
CA ARG A 6 3.85 5.69 -13.03
C ARG A 6 4.09 4.18 -13.26
N GLY A 7 3.99 3.43 -12.17
CA GLY A 7 4.25 1.99 -12.21
C GLY A 7 5.71 1.73 -11.95
N ASP A 8 6.49 2.79 -11.83
CA ASP A 8 7.92 2.74 -11.53
C ASP A 8 8.21 3.28 -10.13
N ASN A 9 7.16 3.57 -9.39
CA ASN A 9 7.29 4.16 -8.05
C ASN A 9 7.41 3.04 -7.03
N PRO A 10 8.17 3.24 -5.93
CA PRO A 10 8.26 2.21 -4.87
C PRO A 10 6.96 2.05 -4.11
N PRO A 11 6.80 0.95 -3.39
CA PRO A 11 5.58 0.89 -2.59
C PRO A 11 5.55 1.91 -1.51
N LEU A 12 4.35 2.30 -1.10
CA LEU A 12 4.18 3.27 -0.01
C LEU A 12 4.19 2.58 1.34
N THR A 13 4.56 3.31 2.39
CA THR A 13 4.66 2.77 3.73
C THR A 13 3.33 2.66 4.41
N CYS A 14 3.26 1.75 5.39
CA CYS A 14 2.11 1.65 6.25
C CYS A 14 2.53 1.16 7.63
N SER A 15 1.61 1.20 8.62
CA SER A 15 1.88 0.65 9.93
C SER A 15 0.60 -0.06 10.46
N GLN A 16 -0.53 0.31 9.88
CA GLN A 16 -1.78 -0.38 10.14
C GLN A 16 -2.48 -0.46 8.76
N ASP A 17 -3.46 -1.36 8.65
CA ASP A 17 -4.25 -1.48 7.45
C ASP A 17 -5.03 -0.20 7.11
N SER A 18 -5.43 0.53 8.13
CA SER A 18 -6.23 1.77 7.90
C SER A 18 -5.36 2.89 7.21
N ASP A 19 -4.04 2.71 7.11
CA ASP A 19 -3.19 3.68 6.40
C ASP A 19 -3.44 3.62 4.93
N CYS A 20 -3.92 2.48 4.48
CA CYS A 20 -4.15 2.24 3.04
C CYS A 20 -5.58 2.52 2.57
N LEU A 21 -5.79 2.49 1.26
CA LEU A 21 -7.08 2.80 0.69
C LEU A 21 -7.93 1.52 0.65
N ALA A 22 -9.22 1.68 0.43
CA ALA A 22 -10.08 0.50 0.26
C ALA A 22 -9.54 -0.33 -0.95
N GLY A 23 -9.43 -1.65 -0.76
CA GLY A 23 -8.82 -2.53 -1.78
C GLY A 23 -7.33 -2.76 -1.55
N CYS A 24 -6.76 -2.10 -0.58
CA CYS A 24 -5.31 -2.20 -0.29
C CYS A 24 -5.20 -2.59 1.15
N VAL A 25 -4.10 -3.22 1.51
CA VAL A 25 -3.88 -3.74 2.88
C VAL A 25 -2.46 -3.39 3.31
N CYS A 26 -2.16 -3.54 4.58
CA CYS A 26 -0.83 -3.31 5.06
C CYS A 26 -0.11 -4.66 5.26
N GLY A 27 1.06 -4.82 4.69
CA GLY A 27 1.74 -6.08 4.80
C GLY A 27 2.77 -6.11 5.92
N PRO A 28 3.28 -7.31 6.26
CA PRO A 28 4.31 -7.44 7.33
C PRO A 28 5.60 -6.65 7.13
N ASN A 29 5.93 -6.28 5.89
CA ASN A 29 7.19 -5.55 5.64
C ASN A 29 7.02 -4.04 5.97
N GLY A 30 5.84 -3.58 6.33
CA GLY A 30 5.63 -2.15 6.64
C GLY A 30 5.39 -1.36 5.37
N PHE A 31 4.94 -2.09 4.35
CA PHE A 31 4.57 -1.48 3.04
C PHE A 31 3.20 -1.98 2.65
N CYS A 32 2.43 -1.10 2.01
CA CYS A 32 1.09 -1.39 1.55
C CYS A 32 1.15 -2.35 0.37
N GLY A 33 0.08 -3.11 0.22
CA GLY A 33 -0.06 -4.11 -0.84
C GLY A 33 -1.53 -4.15 -1.23
N GLY A 1 -6.75 -3.73 -6.08
CA GLY A 1 -5.57 -3.22 -5.35
C GLY A 1 -5.37 -1.76 -5.61
N CYS A 2 -4.30 -1.21 -5.05
CA CYS A 2 -4.05 0.23 -5.14
C CYS A 2 -3.56 0.68 -6.53
N PRO A 3 -3.72 1.99 -6.86
CA PRO A 3 -3.26 2.41 -8.19
C PRO A 3 -1.74 2.46 -8.30
N ARG A 4 -1.24 2.58 -9.53
CA ARG A 4 0.19 2.65 -9.76
C ARG A 4 0.74 3.97 -9.27
N PRO A 5 2.02 3.98 -8.83
CA PRO A 5 2.60 5.25 -8.35
C PRO A 5 3.05 6.10 -9.54
N ARG A 6 3.74 7.19 -9.24
CA ARG A 6 4.23 8.14 -10.26
C ARG A 6 5.13 7.50 -11.32
N GLY A 7 5.95 6.55 -10.92
CA GLY A 7 6.91 5.92 -11.83
C GLY A 7 7.06 4.47 -11.46
N ASP A 8 8.30 3.99 -11.42
CA ASP A 8 8.58 2.64 -10.95
C ASP A 8 8.84 2.64 -9.44
N ASN A 9 8.42 3.73 -8.81
CA ASN A 9 8.64 3.92 -7.37
C ASN A 9 8.09 2.78 -6.52
N PRO A 10 8.70 2.55 -5.35
CA PRO A 10 8.28 1.48 -4.43
C PRO A 10 6.90 1.76 -3.81
N PRO A 11 6.29 0.73 -3.17
CA PRO A 11 5.01 0.99 -2.51
C PRO A 11 5.16 1.94 -1.33
N LEU A 12 4.05 2.56 -0.95
CA LEU A 12 4.02 3.45 0.19
C LEU A 12 4.15 2.66 1.50
N THR A 13 4.59 3.33 2.55
CA THR A 13 4.75 2.72 3.85
C THR A 13 3.43 2.78 4.61
N CYS A 14 3.21 1.83 5.52
CA CYS A 14 2.04 1.81 6.38
C CYS A 14 2.42 1.15 7.70
N SER A 15 1.61 1.37 8.71
CA SER A 15 1.80 0.77 10.03
C SER A 15 0.48 0.16 10.53
N GLN A 16 -0.59 0.36 9.77
CA GLN A 16 -1.89 -0.22 10.07
C GLN A 16 -2.57 -0.34 8.71
N ASP A 17 -3.63 -1.12 8.62
CA ASP A 17 -4.29 -1.34 7.32
C ASP A 17 -4.98 -0.04 6.89
N SER A 18 -5.40 0.75 7.88
CA SER A 18 -6.07 2.02 7.67
C SER A 18 -5.24 3.09 7.00
N ASP A 19 -3.94 2.90 6.89
CA ASP A 19 -3.06 3.85 6.21
C ASP A 19 -3.16 3.68 4.71
N CYS A 20 -3.82 2.62 4.28
CA CYS A 20 -3.99 2.31 2.86
C CYS A 20 -5.38 2.67 2.39
N LEU A 21 -5.54 2.71 1.08
CA LEU A 21 -6.85 2.98 0.51
C LEU A 21 -7.65 1.70 0.65
N ALA A 22 -8.96 1.85 0.69
CA ALA A 22 -9.86 0.72 0.83
C ALA A 22 -9.58 -0.24 -0.33
N GLY A 23 -9.38 -1.53 -0.01
CA GLY A 23 -9.07 -2.52 -1.04
C GLY A 23 -7.58 -2.82 -1.09
N CYS A 24 -6.81 -2.14 -0.27
CA CYS A 24 -5.36 -2.38 -0.14
C CYS A 24 -5.10 -2.74 1.34
N VAL A 25 -4.02 -3.47 1.62
CA VAL A 25 -3.72 -3.91 2.97
C VAL A 25 -2.31 -3.51 3.37
N CYS A 26 -1.99 -3.62 4.65
CA CYS A 26 -0.65 -3.30 5.13
C CYS A 26 0.09 -4.59 5.35
N GLY A 27 1.18 -4.79 4.63
CA GLY A 27 1.90 -6.07 4.68
C GLY A 27 2.89 -6.21 5.82
N PRO A 28 3.54 -7.37 5.97
CA PRO A 28 4.46 -7.58 7.09
C PRO A 28 5.79 -6.82 7.02
N ASN A 29 6.05 -6.22 5.86
CA ASN A 29 7.27 -5.42 5.64
C ASN A 29 7.01 -3.95 5.94
N GLY A 30 5.78 -3.61 6.34
CA GLY A 30 5.44 -2.22 6.58
C GLY A 30 5.21 -1.45 5.29
N PHE A 31 4.93 -2.19 4.22
CA PHE A 31 4.60 -1.58 2.94
C PHE A 31 3.17 -1.95 2.58
N CYS A 32 2.46 -1.05 1.92
CA CYS A 32 1.09 -1.31 1.50
C CYS A 32 1.10 -2.32 0.35
N GLY A 33 0.06 -3.15 0.26
CA GLY A 33 -0.04 -4.13 -0.82
C GLY A 33 -1.46 -4.60 -0.97
N GLY A 1 -6.86 -1.37 -6.84
CA GLY A 1 -5.69 -1.21 -6.07
C GLY A 1 -5.40 0.26 -5.80
N CYS A 2 -4.30 0.54 -5.13
CA CYS A 2 -3.90 1.90 -4.75
C CYS A 2 -3.25 2.62 -5.93
N PRO A 3 -3.19 3.97 -5.92
CA PRO A 3 -2.74 4.54 -7.19
C PRO A 3 -1.28 4.36 -7.52
N ARG A 4 -0.96 4.37 -8.80
CA ARG A 4 0.38 4.11 -9.29
C ARG A 4 0.74 5.13 -10.37
N PRO A 5 1.08 6.40 -10.02
CA PRO A 5 1.45 7.41 -11.00
C PRO A 5 2.57 7.11 -12.00
N ARG A 6 3.50 6.24 -11.61
CA ARG A 6 4.55 5.79 -12.51
C ARG A 6 4.57 4.27 -12.61
N GLY A 7 4.47 3.60 -11.46
CA GLY A 7 4.51 2.14 -11.41
C GLY A 7 5.92 1.63 -11.35
N ASP A 8 6.87 2.55 -11.19
CA ASP A 8 8.31 2.24 -11.16
C ASP A 8 8.87 2.38 -9.73
N ASN A 9 8.09 2.98 -8.85
CA ASN A 9 8.58 3.33 -7.50
C ASN A 9 8.17 2.23 -6.52
N PRO A 10 8.92 2.04 -5.41
CA PRO A 10 8.51 1.07 -4.39
C PRO A 10 7.18 1.42 -3.75
N PRO A 11 6.53 0.44 -3.11
CA PRO A 11 5.27 0.78 -2.48
C PRO A 11 5.41 1.76 -1.32
N LEU A 12 4.33 2.48 -1.03
CA LEU A 12 4.29 3.41 0.12
C LEU A 12 4.28 2.66 1.45
N THR A 13 4.66 3.31 2.55
CA THR A 13 4.66 2.67 3.84
C THR A 13 3.33 2.62 4.51
N CYS A 14 3.21 1.66 5.41
CA CYS A 14 2.02 1.53 6.27
C CYS A 14 2.43 1.10 7.67
N SER A 15 1.47 1.13 8.61
CA SER A 15 1.65 0.57 9.92
C SER A 15 0.35 -0.10 10.34
N GLN A 16 -0.74 0.34 9.73
CA GLN A 16 -2.03 -0.30 9.87
C GLN A 16 -2.61 -0.34 8.44
N ASP A 17 -3.66 -1.14 8.24
CA ASP A 17 -4.31 -1.22 6.95
C ASP A 17 -5.08 0.07 6.62
N SER A 18 -5.47 0.81 7.64
CA SER A 18 -6.15 2.11 7.43
C SER A 18 -5.22 3.16 6.77
N ASP A 19 -3.91 2.90 6.73
CA ASP A 19 -2.99 3.83 6.04
C ASP A 19 -3.16 3.75 4.56
N CYS A 20 -3.56 2.59 4.09
CA CYS A 20 -3.75 2.35 2.66
C CYS A 20 -5.23 2.62 2.29
N LEU A 21 -5.54 2.61 1.00
CA LEU A 21 -6.89 2.90 0.57
C LEU A 21 -7.75 1.65 0.80
N ALA A 22 -9.06 1.85 0.81
CA ALA A 22 -9.97 0.70 0.92
C ALA A 22 -9.71 -0.22 -0.30
N GLY A 23 -9.49 -1.52 -0.02
CA GLY A 23 -9.08 -2.48 -1.07
C GLY A 23 -7.58 -2.79 -1.06
N CYS A 24 -6.82 -2.04 -0.29
CA CYS A 24 -5.37 -2.25 -0.18
C CYS A 24 -5.16 -2.76 1.24
N VAL A 25 -4.05 -3.40 1.52
CA VAL A 25 -3.80 -3.99 2.86
C VAL A 25 -2.44 -3.53 3.38
N CYS A 26 -2.10 -3.88 4.61
CA CYS A 26 -0.81 -3.52 5.18
C CYS A 26 -0.07 -4.81 5.61
N GLY A 27 1.13 -5.05 5.09
CA GLY A 27 1.81 -6.30 5.37
C GLY A 27 3.02 -6.20 6.29
N PRO A 28 3.65 -7.37 6.57
CA PRO A 28 4.86 -7.41 7.45
C PRO A 28 6.07 -6.67 6.97
N ASN A 29 6.13 -6.27 5.69
CA ASN A 29 7.28 -5.48 5.19
C ASN A 29 7.07 -4.00 5.59
N GLY A 30 5.94 -3.63 6.18
CA GLY A 30 5.69 -2.25 6.57
C GLY A 30 5.29 -1.40 5.38
N PHE A 31 4.86 -2.08 4.32
CA PHE A 31 4.45 -1.41 3.07
C PHE A 31 3.05 -1.82 2.73
N CYS A 32 2.30 -0.85 2.18
CA CYS A 32 0.93 -1.06 1.71
C CYS A 32 1.05 -1.99 0.51
N GLY A 33 0.10 -2.87 0.37
CA GLY A 33 0.06 -3.91 -0.67
C GLY A 33 -1.35 -4.11 -1.16
N GLY A 1 -8.97 -0.08 -5.20
CA GLY A 1 -7.60 -0.52 -5.15
C GLY A 1 -6.63 0.62 -5.37
N CYS A 2 -5.38 0.42 -5.07
CA CYS A 2 -4.37 1.48 -5.06
C CYS A 2 -3.92 1.82 -6.46
N PRO A 3 -3.86 3.12 -6.80
CA PRO A 3 -3.51 3.42 -8.19
C PRO A 3 -2.03 3.37 -8.49
N ARG A 4 -1.70 3.14 -9.74
CA ARG A 4 -0.30 3.14 -10.14
C ARG A 4 -0.11 4.08 -11.35
N PRO A 5 -0.08 5.42 -11.14
CA PRO A 5 0.18 6.38 -12.20
C PRO A 5 1.44 6.18 -13.04
N ARG A 6 2.53 5.81 -12.38
CA ARG A 6 3.78 5.54 -13.08
C ARG A 6 3.66 4.14 -13.67
N GLY A 7 3.08 3.25 -12.86
CA GLY A 7 2.94 1.84 -13.23
C GLY A 7 4.04 1.02 -12.62
N ASP A 8 5.23 1.61 -12.56
CA ASP A 8 6.42 1.00 -11.93
C ASP A 8 6.60 1.54 -10.52
N ASN A 9 5.62 2.29 -10.02
CA ASN A 9 5.82 2.96 -8.74
C ASN A 9 5.79 1.99 -7.54
N PRO A 10 6.71 2.15 -6.57
CA PRO A 10 6.78 1.29 -5.39
C PRO A 10 5.60 1.46 -4.44
N PRO A 11 5.45 0.52 -3.50
CA PRO A 11 4.41 0.78 -2.52
C PRO A 11 4.73 1.88 -1.53
N LEU A 12 3.68 2.44 -0.92
CA LEU A 12 3.81 3.42 0.16
C LEU A 12 4.01 2.68 1.48
N THR A 13 4.49 3.36 2.51
CA THR A 13 4.62 2.75 3.83
C THR A 13 3.30 2.66 4.51
N CYS A 14 3.17 1.69 5.41
CA CYS A 14 1.97 1.57 6.24
C CYS A 14 2.36 0.95 7.58
N SER A 15 1.51 1.07 8.62
CA SER A 15 1.74 0.40 9.87
C SER A 15 0.46 -0.32 10.29
N GLN A 16 -0.65 0.13 9.73
CA GLN A 16 -1.92 -0.56 9.88
C GLN A 16 -2.53 -0.51 8.45
N ASP A 17 -3.58 -1.28 8.21
CA ASP A 17 -4.27 -1.25 6.93
C ASP A 17 -5.04 0.08 6.74
N SER A 18 -5.40 0.71 7.84
CA SER A 18 -6.05 2.03 7.79
C SER A 18 -5.15 3.11 7.14
N ASP A 19 -3.84 2.88 7.07
CA ASP A 19 -2.93 3.86 6.42
C ASP A 19 -3.06 3.79 4.93
N CYS A 20 -3.58 2.70 4.43
CA CYS A 20 -3.73 2.49 2.98
C CYS A 20 -5.10 2.99 2.46
N LEU A 21 -5.25 2.90 1.15
CA LEU A 21 -6.49 3.28 0.51
C LEU A 21 -7.46 2.09 0.59
N ALA A 22 -8.74 2.38 0.37
CA ALA A 22 -9.73 1.30 0.36
C ALA A 22 -9.38 0.27 -0.75
N GLY A 23 -9.53 -1.02 -0.40
CA GLY A 23 -9.15 -2.11 -1.31
C GLY A 23 -7.70 -2.55 -1.21
N CYS A 24 -6.91 -1.86 -0.43
CA CYS A 24 -5.48 -2.18 -0.26
C CYS A 24 -5.31 -2.64 1.18
N VAL A 25 -4.23 -3.32 1.47
CA VAL A 25 -4.01 -3.86 2.83
C VAL A 25 -2.58 -3.52 3.25
N CYS A 26 -2.25 -3.75 4.50
CA CYS A 26 -0.90 -3.51 4.98
C CYS A 26 -0.24 -4.86 5.25
N GLY A 27 1.08 -4.95 5.12
CA GLY A 27 1.75 -6.21 5.37
C GLY A 27 2.93 -6.08 6.33
N PRO A 28 3.49 -7.22 6.77
CA PRO A 28 4.66 -7.21 7.71
C PRO A 28 5.91 -6.52 7.23
N ASN A 29 6.04 -6.27 5.92
CA ASN A 29 7.19 -5.51 5.39
C ASN A 29 7.09 -4.02 5.81
N GLY A 30 5.90 -3.57 6.21
CA GLY A 30 5.72 -2.16 6.61
C GLY A 30 5.40 -1.28 5.41
N PHE A 31 5.00 -1.97 4.35
CA PHE A 31 4.61 -1.31 3.07
C PHE A 31 3.31 -1.95 2.62
N CYS A 32 2.49 -1.13 1.96
CA CYS A 32 1.14 -1.47 1.51
C CYS A 32 1.18 -2.47 0.36
N GLY A 33 0.13 -3.26 0.28
CA GLY A 33 -0.04 -4.30 -0.74
C GLY A 33 -1.51 -4.41 -1.13
N GLY A 1 -7.59 -3.02 -6.27
CA GLY A 1 -6.46 -2.89 -5.43
C GLY A 1 -5.80 -1.53 -5.56
N CYS A 2 -4.60 -1.37 -5.09
CA CYS A 2 -3.91 -0.07 -5.12
C CYS A 2 -3.43 0.29 -6.51
N PRO A 3 -3.25 1.59 -6.81
CA PRO A 3 -2.78 1.84 -8.18
C PRO A 3 -1.34 1.37 -8.38
N ARG A 4 -1.05 0.76 -9.53
CA ARG A 4 0.28 0.12 -9.70
C ARG A 4 1.36 1.18 -9.86
N PRO A 5 2.60 0.90 -9.44
CA PRO A 5 3.67 1.87 -9.63
C PRO A 5 4.31 1.76 -11.03
N ARG A 6 5.14 2.72 -11.41
CA ARG A 6 5.78 2.64 -12.73
C ARG A 6 7.04 1.75 -12.59
N GLY A 7 7.43 1.59 -11.34
CA GLY A 7 8.53 0.70 -10.98
C GLY A 7 9.81 1.46 -10.79
N ASP A 8 9.70 2.76 -10.53
CA ASP A 8 10.85 3.63 -10.31
C ASP A 8 10.95 4.02 -8.80
N ASN A 9 9.92 3.72 -8.05
CA ASN A 9 9.82 4.13 -6.63
C ASN A 9 9.19 2.97 -5.86
N PRO A 10 9.56 2.77 -4.58
CA PRO A 10 8.95 1.72 -3.75
C PRO A 10 7.48 1.98 -3.43
N PRO A 11 6.75 0.94 -3.02
CA PRO A 11 5.36 1.22 -2.60
C PRO A 11 5.31 2.06 -1.34
N LEU A 12 4.16 2.68 -1.03
CA LEU A 12 4.06 3.52 0.18
C LEU A 12 4.18 2.69 1.45
N THR A 13 4.61 3.35 2.52
CA THR A 13 4.76 2.70 3.82
C THR A 13 3.48 2.81 4.63
N CYS A 14 3.28 1.84 5.51
CA CYS A 14 2.09 1.80 6.35
C CYS A 14 2.42 1.12 7.70
N SER A 15 1.53 1.27 8.69
CA SER A 15 1.70 0.58 9.95
C SER A 15 0.41 -0.11 10.38
N GLN A 16 -0.64 0.12 9.61
CA GLN A 16 -1.92 -0.55 9.80
C GLN A 16 -2.59 -0.59 8.39
N ASP A 17 -3.59 -1.45 8.23
CA ASP A 17 -4.37 -1.51 7.00
C ASP A 17 -5.06 -0.17 6.70
N SER A 18 -5.49 0.52 7.76
CA SER A 18 -6.21 1.80 7.61
C SER A 18 -5.35 2.91 6.99
N ASP A 19 -4.02 2.76 6.97
CA ASP A 19 -3.15 3.81 6.39
C ASP A 19 -3.25 3.83 4.90
N CYS A 20 -3.75 2.74 4.35
CA CYS A 20 -3.88 2.60 2.88
C CYS A 20 -5.29 2.96 2.36
N LEU A 21 -5.43 2.84 1.03
CA LEU A 21 -6.67 3.14 0.36
C LEU A 21 -7.62 1.94 0.55
N ALA A 22 -8.89 2.18 0.31
CA ALA A 22 -9.86 1.07 0.31
C ALA A 22 -9.40 0.07 -0.78
N GLY A 23 -9.51 -1.25 -0.48
CA GLY A 23 -9.00 -2.28 -1.39
C GLY A 23 -7.55 -2.67 -1.18
N CYS A 24 -6.87 -2.00 -0.26
CA CYS A 24 -5.43 -2.24 0.03
C CYS A 24 -5.34 -2.71 1.45
N VAL A 25 -4.25 -3.38 1.77
CA VAL A 25 -3.99 -3.84 3.14
C VAL A 25 -2.54 -3.46 3.45
N CYS A 26 -2.12 -3.63 4.68
CA CYS A 26 -0.77 -3.35 5.08
C CYS A 26 -0.05 -4.65 5.39
N GLY A 27 1.15 -4.87 4.89
CA GLY A 27 1.80 -6.13 5.08
C GLY A 27 2.90 -6.15 6.14
N PRO A 28 3.46 -7.35 6.39
CA PRO A 28 4.58 -7.47 7.37
C PRO A 28 5.86 -6.71 7.06
N ASN A 29 6.05 -6.28 5.81
CA ASN A 29 7.26 -5.50 5.48
C ASN A 29 7.03 -3.99 5.78
N GLY A 30 5.85 -3.60 6.24
CA GLY A 30 5.60 -2.18 6.55
C GLY A 30 5.32 -1.35 5.30
N PHE A 31 4.95 -2.08 4.24
CA PHE A 31 4.58 -1.47 2.95
C PHE A 31 3.20 -1.96 2.62
N CYS A 32 2.45 -1.11 1.91
CA CYS A 32 1.09 -1.38 1.46
C CYS A 32 1.13 -2.42 0.35
N GLY A 33 0.09 -3.22 0.29
CA GLY A 33 -0.06 -4.26 -0.73
C GLY A 33 -1.51 -4.36 -1.18
N GLY A 1 -7.88 0.07 -5.19
CA GLY A 1 -6.60 -0.35 -4.74
C GLY A 1 -5.73 0.85 -4.45
N CYS A 2 -4.43 0.65 -4.34
CA CYS A 2 -3.44 1.72 -4.03
C CYS A 2 -3.34 2.75 -5.14
N PRO A 3 -2.87 3.97 -4.83
CA PRO A 3 -2.86 4.93 -5.95
C PRO A 3 -1.77 4.66 -6.98
N ARG A 4 -2.04 5.04 -8.21
CA ARG A 4 -1.11 4.86 -9.31
C ARG A 4 -0.96 6.09 -10.19
N PRO A 5 -0.25 7.17 -9.74
CA PRO A 5 0.00 8.38 -10.52
C PRO A 5 0.97 8.25 -11.70
N ARG A 6 1.81 7.21 -11.66
CA ARG A 6 2.72 6.90 -12.77
C ARG A 6 2.42 5.52 -13.36
N GLY A 7 2.18 4.56 -12.46
CA GLY A 7 1.82 3.19 -12.83
C GLY A 7 2.94 2.24 -12.51
N ASP A 8 4.17 2.74 -12.42
CA ASP A 8 5.33 1.94 -11.98
C ASP A 8 5.85 2.46 -10.67
N ASN A 9 5.06 3.29 -10.03
CA ASN A 9 5.47 3.93 -8.80
C ASN A 9 5.41 2.90 -7.64
N PRO A 10 6.41 2.91 -6.75
CA PRO A 10 6.48 1.92 -5.67
C PRO A 10 5.41 2.04 -4.60
N PRO A 11 5.25 0.99 -3.78
CA PRO A 11 4.28 1.14 -2.70
C PRO A 11 4.69 2.12 -1.62
N LEU A 12 3.67 2.67 -0.94
CA LEU A 12 3.87 3.55 0.21
C LEU A 12 4.05 2.70 1.46
N THR A 13 4.60 3.29 2.53
CA THR A 13 4.71 2.58 3.80
C THR A 13 3.39 2.57 4.55
N CYS A 14 3.25 1.62 5.45
CA CYS A 14 2.11 1.57 6.35
C CYS A 14 2.49 1.10 7.76
N SER A 15 1.60 1.31 8.73
CA SER A 15 1.77 0.85 10.09
C SER A 15 0.40 0.35 10.60
N GLN A 16 -0.61 0.62 9.81
CA GLN A 16 -1.93 0.05 10.03
C GLN A 16 -2.53 -0.23 8.62
N ASP A 17 -3.57 -1.04 8.58
CA ASP A 17 -4.33 -1.28 7.40
C ASP A 17 -5.02 -0.01 6.88
N SER A 18 -5.46 0.83 7.79
CA SER A 18 -6.18 2.05 7.38
C SER A 18 -5.25 3.08 6.67
N ASP A 19 -3.94 2.84 6.64
CA ASP A 19 -3.04 3.77 5.94
C ASP A 19 -3.22 3.70 4.46
N CYS A 20 -3.69 2.57 3.97
CA CYS A 20 -3.86 2.36 2.51
C CYS A 20 -5.29 2.68 2.04
N LEU A 21 -5.44 2.76 0.72
CA LEU A 21 -6.73 3.03 0.15
C LEU A 21 -7.50 1.72 0.13
N ALA A 22 -8.81 1.82 -0.03
CA ALA A 22 -9.65 0.64 -0.17
C ALA A 22 -9.06 -0.25 -1.30
N GLY A 23 -8.99 -1.56 -1.01
CA GLY A 23 -8.33 -2.51 -1.92
C GLY A 23 -6.91 -2.90 -1.55
N CYS A 24 -6.29 -2.15 -0.66
CA CYS A 24 -4.89 -2.43 -0.26
C CYS A 24 -4.93 -2.71 1.21
N VAL A 25 -4.00 -3.53 1.66
CA VAL A 25 -3.89 -3.89 3.09
C VAL A 25 -2.46 -3.59 3.55
N CYS A 26 -2.21 -3.61 4.85
CA CYS A 26 -0.89 -3.35 5.36
C CYS A 26 -0.10 -4.67 5.54
N GLY A 27 1.02 -4.81 4.86
CA GLY A 27 1.77 -6.07 4.86
C GLY A 27 2.87 -6.17 5.92
N PRO A 28 3.55 -7.33 5.95
CA PRO A 28 4.62 -7.54 6.96
C PRO A 28 5.95 -6.79 6.68
N ASN A 29 6.11 -6.24 5.46
CA ASN A 29 7.33 -5.47 5.14
C ASN A 29 7.17 -4.02 5.65
N GLY A 30 5.99 -3.66 6.16
CA GLY A 30 5.73 -2.30 6.61
C GLY A 30 5.30 -1.41 5.45
N PHE A 31 4.84 -2.05 4.38
CA PHE A 31 4.38 -1.36 3.14
C PHE A 31 3.01 -1.84 2.77
N CYS A 32 2.22 -0.90 2.22
CA CYS A 32 0.86 -1.18 1.74
C CYS A 32 0.99 -2.04 0.49
N GLY A 33 0.08 -2.97 0.32
CA GLY A 33 0.16 -3.93 -0.77
C GLY A 33 -1.08 -4.87 -0.74
N GLY A 1 -7.87 -5.83 -4.18
CA GLY A 1 -6.65 -5.09 -4.12
C GLY A 1 -6.91 -3.62 -4.31
N CYS A 2 -5.89 -2.80 -4.42
CA CYS A 2 -6.03 -1.35 -4.50
C CYS A 2 -6.78 -0.87 -5.73
N PRO A 3 -7.54 0.23 -5.63
CA PRO A 3 -8.27 0.61 -6.83
C PRO A 3 -7.37 1.11 -7.95
N ARG A 4 -7.71 0.72 -9.17
CA ARG A 4 -6.95 1.02 -10.38
C ARG A 4 -5.43 1.29 -10.15
N PRO A 5 -4.63 0.26 -9.93
CA PRO A 5 -3.22 0.57 -9.68
C PRO A 5 -2.49 0.94 -10.98
N ARG A 6 -1.50 1.81 -10.92
CA ARG A 6 -0.81 2.20 -12.17
C ARG A 6 0.14 1.08 -12.61
N GLY A 7 0.81 0.52 -11.61
CA GLY A 7 1.74 -0.59 -11.79
C GLY A 7 3.15 -0.08 -11.95
N ASP A 8 3.29 1.23 -12.04
CA ASP A 8 4.58 1.93 -12.14
C ASP A 8 4.95 2.48 -10.79
N ASN A 9 3.94 2.67 -9.98
CA ASN A 9 4.11 3.32 -8.67
C ASN A 9 4.85 2.44 -7.63
N PRO A 10 5.82 3.03 -6.92
CA PRO A 10 6.51 2.28 -5.86
C PRO A 10 5.60 2.03 -4.66
N PRO A 11 5.99 1.07 -3.81
CA PRO A 11 5.13 0.91 -2.63
C PRO A 11 5.27 2.03 -1.64
N LEU A 12 4.20 2.25 -0.86
CA LEU A 12 4.23 3.28 0.21
C LEU A 12 4.21 2.62 1.56
N THR A 13 4.74 3.31 2.59
CA THR A 13 4.82 2.72 3.92
C THR A 13 3.51 2.82 4.68
N CYS A 14 3.27 1.82 5.50
CA CYS A 14 2.09 1.77 6.37
C CYS A 14 2.47 1.11 7.71
N SER A 15 1.55 1.14 8.68
CA SER A 15 1.69 0.43 9.92
C SER A 15 0.36 -0.22 10.30
N GLN A 16 -0.70 0.25 9.67
CA GLN A 16 -2.03 -0.38 9.76
C GLN A 16 -2.57 -0.34 8.30
N ASP A 17 -3.64 -1.09 8.05
CA ASP A 17 -4.26 -1.11 6.73
C ASP A 17 -5.01 0.19 6.43
N SER A 18 -5.47 0.87 7.45
CA SER A 18 -6.16 2.16 7.30
C SER A 18 -5.23 3.25 6.75
N ASP A 19 -3.92 3.02 6.72
CA ASP A 19 -2.96 4.01 6.18
C ASP A 19 -3.05 4.09 4.69
N CYS A 20 -3.68 3.11 4.08
CA CYS A 20 -3.77 2.99 2.62
C CYS A 20 -5.22 3.13 2.10
N LEU A 21 -5.44 2.82 0.82
CA LEU A 21 -6.76 3.03 0.21
C LEU A 21 -7.65 1.83 0.58
N ALA A 22 -8.95 2.04 0.46
CA ALA A 22 -9.91 0.94 0.75
C ALA A 22 -9.64 -0.14 -0.32
N GLY A 23 -9.60 -1.42 0.14
CA GLY A 23 -9.25 -2.55 -0.75
C GLY A 23 -7.77 -2.95 -0.73
N CYS A 24 -6.94 -2.12 -0.15
CA CYS A 24 -5.49 -2.38 -0.02
C CYS A 24 -5.29 -3.04 1.32
N VAL A 25 -4.12 -3.59 1.58
CA VAL A 25 -3.80 -4.16 2.91
C VAL A 25 -2.43 -3.63 3.35
N CYS A 26 -2.03 -3.88 4.59
CA CYS A 26 -0.74 -3.45 5.08
C CYS A 26 0.07 -4.75 5.38
N GLY A 27 1.21 -4.95 4.75
CA GLY A 27 1.91 -6.23 4.89
C GLY A 27 3.02 -6.27 5.94
N PRO A 28 3.63 -7.46 6.09
CA PRO A 28 4.74 -7.62 7.09
C PRO A 28 5.99 -6.81 6.81
N ASN A 29 6.13 -6.26 5.59
CA ASN A 29 7.31 -5.40 5.25
C ASN A 29 7.06 -3.95 5.75
N GLY A 30 5.86 -3.63 6.23
CA GLY A 30 5.54 -2.26 6.65
C GLY A 30 5.24 -1.39 5.46
N PHE A 31 4.86 -2.03 4.35
CA PHE A 31 4.49 -1.36 3.10
C PHE A 31 3.12 -1.88 2.71
N CYS A 32 2.33 -0.99 2.10
CA CYS A 32 0.99 -1.26 1.62
C CYS A 32 1.08 -2.19 0.43
N GLY A 33 0.14 -3.11 0.38
CA GLY A 33 -0.03 -4.04 -0.72
C GLY A 33 -1.28 -3.71 -1.47
N GLY A 1 -8.61 0.86 -6.09
CA GLY A 1 -7.51 0.28 -5.37
C GLY A 1 -6.32 1.22 -5.34
N CYS A 2 -5.16 0.76 -4.96
CA CYS A 2 -3.97 1.60 -4.84
C CYS A 2 -3.47 2.04 -6.18
N PRO A 3 -2.82 3.21 -6.27
CA PRO A 3 -2.44 3.62 -7.61
C PRO A 3 -1.25 2.86 -8.19
N ARG A 4 -1.28 2.63 -9.49
CA ARG A 4 -0.19 1.98 -10.20
C ARG A 4 -0.01 2.61 -11.56
N PRO A 5 0.35 3.92 -11.66
CA PRO A 5 0.50 4.62 -12.95
C PRO A 5 1.69 4.25 -13.80
N ARG A 6 2.62 3.50 -13.21
CA ARG A 6 3.79 3.01 -13.95
C ARG A 6 3.87 1.47 -13.90
N GLY A 7 3.43 0.91 -12.78
CA GLY A 7 3.41 -0.55 -12.63
C GLY A 7 4.66 -1.03 -11.96
N ASP A 8 5.68 -0.18 -11.95
CA ASP A 8 6.93 -0.41 -11.21
C ASP A 8 7.11 0.57 -10.08
N ASN A 9 6.10 1.41 -9.88
CA ASN A 9 6.20 2.42 -8.86
C ASN A 9 6.10 1.73 -7.47
N PRO A 10 6.99 2.09 -6.54
CA PRO A 10 7.05 1.38 -5.25
C PRO A 10 5.83 1.61 -4.36
N PRO A 11 5.57 0.66 -3.46
CA PRO A 11 4.46 0.88 -2.55
C PRO A 11 4.70 1.95 -1.51
N LEU A 12 3.61 2.49 -0.95
CA LEU A 12 3.70 3.44 0.16
C LEU A 12 3.92 2.73 1.47
N THR A 13 4.44 3.41 2.49
CA THR A 13 4.66 2.81 3.81
C THR A 13 3.39 2.76 4.60
N CYS A 14 3.27 1.75 5.47
CA CYS A 14 2.10 1.62 6.33
C CYS A 14 2.52 0.97 7.64
N SER A 15 1.58 0.91 8.61
CA SER A 15 1.76 0.15 9.82
C SER A 15 0.44 -0.51 10.20
N GLN A 16 -0.66 0.04 9.69
CA GLN A 16 -1.96 -0.59 9.84
C GLN A 16 -2.63 -0.53 8.46
N ASP A 17 -3.69 -1.32 8.25
CA ASP A 17 -4.47 -1.27 7.02
C ASP A 17 -5.07 0.11 6.76
N SER A 18 -5.42 0.80 7.83
CA SER A 18 -6.03 2.16 7.71
C SER A 18 -5.10 3.19 7.04
N ASP A 19 -3.79 2.90 6.94
CA ASP A 19 -2.85 3.84 6.28
C ASP A 19 -3.00 3.78 4.78
N CYS A 20 -3.57 2.71 4.27
CA CYS A 20 -3.70 2.51 2.82
C CYS A 20 -5.06 2.98 2.27
N LEU A 21 -5.20 2.85 0.95
CA LEU A 21 -6.42 3.23 0.28
C LEU A 21 -7.40 2.08 0.48
N ALA A 22 -8.68 2.34 0.29
CA ALA A 22 -9.68 1.26 0.35
C ALA A 22 -9.29 0.22 -0.75
N GLY A 23 -9.48 -1.06 -0.45
CA GLY A 23 -9.06 -2.12 -1.38
C GLY A 23 -7.62 -2.60 -1.23
N CYS A 24 -6.89 -1.99 -0.32
CA CYS A 24 -5.47 -2.32 -0.10
C CYS A 24 -5.31 -2.74 1.34
N VAL A 25 -4.23 -3.42 1.63
CA VAL A 25 -3.95 -3.89 3.01
C VAL A 25 -2.53 -3.54 3.38
N CYS A 26 -2.20 -3.65 4.65
CA CYS A 26 -0.85 -3.39 5.11
C CYS A 26 -0.06 -4.68 5.30
N GLY A 27 1.13 -4.77 4.73
CA GLY A 27 1.87 -6.02 4.79
C GLY A 27 2.88 -6.12 5.95
N PRO A 28 3.53 -7.29 6.06
CA PRO A 28 4.51 -7.48 7.17
C PRO A 28 5.84 -6.72 7.01
N ASN A 29 6.12 -6.17 5.82
CA ASN A 29 7.35 -5.37 5.61
C ASN A 29 7.08 -3.88 5.92
N GLY A 30 5.88 -3.53 6.34
CA GLY A 30 5.59 -2.12 6.65
C GLY A 30 5.31 -1.33 5.40
N PHE A 31 4.93 -2.05 4.35
CA PHE A 31 4.58 -1.42 3.05
C PHE A 31 3.24 -1.98 2.65
N CYS A 32 2.46 -1.15 1.96
CA CYS A 32 1.12 -1.49 1.49
C CYS A 32 1.20 -2.54 0.39
N GLY A 33 0.12 -3.27 0.26
CA GLY A 33 0.01 -4.37 -0.71
C GLY A 33 -1.47 -4.64 -0.99
N GLY A 1 -5.80 -6.88 -5.16
CA GLY A 1 -6.29 -5.87 -4.27
C GLY A 1 -6.06 -4.48 -4.82
N CYS A 2 -6.29 -3.48 -3.96
CA CYS A 2 -6.14 -2.03 -4.25
C CYS A 2 -7.03 -1.44 -5.36
N PRO A 3 -7.38 -0.15 -5.28
CA PRO A 3 -8.29 0.34 -6.34
C PRO A 3 -7.59 0.63 -7.65
N ARG A 4 -7.92 -0.20 -8.63
CA ARG A 4 -7.32 -0.18 -9.98
C ARG A 4 -5.83 0.31 -9.95
N PRO A 5 -4.91 -0.53 -9.45
CA PRO A 5 -3.55 -0.02 -9.38
C PRO A 5 -2.86 0.05 -10.76
N ARG A 6 -2.04 1.07 -10.95
CA ARG A 6 -1.44 1.29 -12.30
C ARG A 6 -0.33 0.26 -12.59
N GLY A 7 0.37 -0.12 -11.53
CA GLY A 7 1.44 -1.11 -11.65
C GLY A 7 2.75 -0.45 -12.04
N ASP A 8 2.80 0.86 -11.85
CA ASP A 8 4.00 1.68 -12.11
C ASP A 8 4.44 2.45 -10.87
N ASN A 9 3.50 2.74 -10.00
CA ASN A 9 3.78 3.57 -8.82
C ASN A 9 4.56 2.81 -7.74
N PRO A 10 5.50 3.47 -7.05
CA PRO A 10 6.30 2.83 -5.99
C PRO A 10 5.47 2.48 -4.77
N PRO A 11 6.01 1.61 -3.91
CA PRO A 11 5.19 1.36 -2.72
C PRO A 11 5.16 2.51 -1.77
N LEU A 12 4.21 2.44 -0.82
CA LEU A 12 4.09 3.43 0.25
C LEU A 12 4.07 2.70 1.58
N THR A 13 4.47 3.39 2.65
CA THR A 13 4.57 2.76 3.96
C THR A 13 3.26 2.69 4.66
N CYS A 14 3.15 1.74 5.56
CA CYS A 14 1.96 1.61 6.40
C CYS A 14 2.37 0.99 7.73
N SER A 15 1.45 0.98 8.71
CA SER A 15 1.64 0.27 9.97
C SER A 15 0.31 -0.36 10.38
N GLN A 16 -0.77 0.16 9.79
CA GLN A 16 -2.09 -0.45 9.86
C GLN A 16 -2.60 -0.39 8.38
N ASP A 17 -3.70 -1.07 8.07
CA ASP A 17 -4.26 -1.02 6.73
C ASP A 17 -4.93 0.32 6.40
N SER A 18 -5.35 1.01 7.43
CA SER A 18 -6.01 2.32 7.27
C SER A 18 -5.02 3.39 6.69
N ASP A 19 -3.71 3.11 6.70
CA ASP A 19 -2.70 4.03 6.13
C ASP A 19 -2.77 4.04 4.63
N CYS A 20 -3.51 3.11 4.05
CA CYS A 20 -3.59 2.98 2.59
C CYS A 20 -5.01 3.16 1.99
N LEU A 21 -5.12 2.94 0.69
CA LEU A 21 -6.36 3.21 -0.01
C LEU A 21 -7.38 2.09 0.26
N ALA A 22 -8.65 2.42 0.17
CA ALA A 22 -9.73 1.44 0.40
C ALA A 22 -9.59 0.30 -0.64
N GLY A 23 -9.43 -0.93 -0.13
CA GLY A 23 -9.13 -2.09 -0.98
C GLY A 23 -7.73 -2.65 -0.86
N CYS A 24 -6.86 -1.91 -0.19
CA CYS A 24 -5.45 -2.30 0.00
C CYS A 24 -5.30 -2.87 1.39
N VAL A 25 -4.22 -3.56 1.65
CA VAL A 25 -3.91 -4.11 2.99
C VAL A 25 -2.50 -3.65 3.40
N CYS A 26 -2.13 -3.87 4.64
CA CYS A 26 -0.80 -3.48 5.10
C CYS A 26 0.01 -4.76 5.39
N GLY A 27 1.18 -4.90 4.77
CA GLY A 27 1.93 -6.13 4.92
C GLY A 27 2.98 -6.15 6.03
N PRO A 28 3.63 -7.32 6.19
CA PRO A 28 4.68 -7.47 7.25
C PRO A 28 6.01 -6.75 6.94
N ASN A 29 6.20 -6.22 5.72
CA ASN A 29 7.42 -5.44 5.40
C ASN A 29 7.16 -3.96 5.75
N GLY A 30 5.96 -3.61 6.21
CA GLY A 30 5.66 -2.21 6.57
C GLY A 30 5.30 -1.38 5.36
N PHE A 31 4.96 -2.06 4.28
CA PHE A 31 4.54 -1.41 3.02
C PHE A 31 3.16 -1.93 2.67
N CYS A 32 2.37 -1.04 2.08
CA CYS A 32 1.02 -1.33 1.60
C CYS A 32 1.12 -2.32 0.46
N GLY A 33 0.11 -3.16 0.34
CA GLY A 33 0.04 -4.22 -0.68
C GLY A 33 -1.40 -4.40 -1.17
N GLY A 1 -7.56 -5.08 -4.69
CA GLY A 1 -6.23 -4.64 -4.85
C GLY A 1 -6.18 -3.17 -5.18
N CYS A 2 -5.00 -2.59 -5.17
CA CYS A 2 -4.82 -1.14 -5.35
C CYS A 2 -4.97 -0.65 -6.77
N PRO A 3 -5.27 0.66 -6.98
CA PRO A 3 -5.39 1.09 -8.37
C PRO A 3 -4.06 1.21 -9.10
N ARG A 4 -4.10 1.34 -10.41
CA ARG A 4 -2.85 1.47 -11.18
C ARG A 4 -2.89 2.68 -12.14
N PRO A 5 -2.85 3.94 -11.65
CA PRO A 5 -2.83 5.07 -12.58
C PRO A 5 -1.53 5.28 -13.36
N ARG A 6 -0.45 4.62 -12.96
CA ARG A 6 0.84 4.73 -13.65
C ARG A 6 1.36 3.31 -13.91
N GLY A 7 1.47 2.52 -12.84
CA GLY A 7 1.93 1.14 -12.94
C GLY A 7 3.44 1.06 -12.86
N ASP A 8 4.05 2.19 -12.50
CA ASP A 8 5.50 2.30 -12.34
C ASP A 8 5.91 2.88 -10.97
N ASN A 9 4.94 3.01 -10.09
CA ASN A 9 5.19 3.71 -8.82
C ASN A 9 5.47 2.72 -7.67
N PRO A 10 6.34 3.08 -6.71
CA PRO A 10 6.67 2.22 -5.56
C PRO A 10 5.56 2.05 -4.54
N PRO A 11 5.69 1.01 -3.70
CA PRO A 11 4.70 1.00 -2.62
C PRO A 11 4.89 2.11 -1.64
N LEU A 12 3.81 2.47 -0.91
CA LEU A 12 3.91 3.46 0.18
C LEU A 12 4.02 2.69 1.47
N THR A 13 4.58 3.30 2.52
CA THR A 13 4.70 2.65 3.81
C THR A 13 3.43 2.75 4.59
N CYS A 14 3.25 1.82 5.53
CA CYS A 14 2.08 1.80 6.38
C CYS A 14 2.43 1.19 7.73
N SER A 15 1.55 1.35 8.73
CA SER A 15 1.74 0.77 10.04
C SER A 15 0.48 0.04 10.48
N GLN A 16 -0.60 0.29 9.76
CA GLN A 16 -1.85 -0.44 9.97
C GLN A 16 -2.55 -0.46 8.58
N ASP A 17 -3.54 -1.33 8.43
CA ASP A 17 -4.32 -1.42 7.19
C ASP A 17 -5.05 -0.13 6.83
N SER A 18 -5.49 0.62 7.83
CA SER A 18 -6.26 1.86 7.55
C SER A 18 -5.34 2.96 6.90
N ASP A 19 -4.01 2.82 6.93
CA ASP A 19 -3.14 3.79 6.29
C ASP A 19 -3.32 3.72 4.80
N CYS A 20 -3.74 2.57 4.31
CA CYS A 20 -3.93 2.36 2.87
C CYS A 20 -5.32 2.74 2.34
N LEU A 21 -5.46 2.67 1.03
CA LEU A 21 -6.71 2.97 0.37
C LEU A 21 -7.65 1.77 0.56
N ALA A 22 -8.93 1.97 0.31
CA ALA A 22 -9.88 0.86 0.33
C ALA A 22 -9.44 -0.11 -0.81
N GLY A 23 -9.42 -1.42 -0.53
CA GLY A 23 -8.91 -2.41 -1.51
C GLY A 23 -7.45 -2.78 -1.32
N CYS A 24 -6.76 -2.08 -0.45
CA CYS A 24 -5.31 -2.31 -0.19
C CYS A 24 -5.18 -2.72 1.26
N VAL A 25 -4.10 -3.39 1.59
CA VAL A 25 -3.83 -3.86 2.97
C VAL A 25 -2.42 -3.44 3.35
N CYS A 26 -2.10 -3.53 4.62
CA CYS A 26 -0.76 -3.24 5.07
C CYS A 26 -0.05 -4.58 5.32
N GLY A 27 1.18 -4.74 4.87
CA GLY A 27 1.83 -6.02 5.01
C GLY A 27 2.87 -6.07 6.12
N PRO A 28 3.41 -7.28 6.40
CA PRO A 28 4.49 -7.42 7.41
C PRO A 28 5.75 -6.67 7.07
N ASN A 29 5.91 -6.34 5.79
CA ASN A 29 7.07 -5.60 5.30
C ASN A 29 6.99 -4.11 5.74
N GLY A 30 5.83 -3.67 6.21
CA GLY A 30 5.64 -2.27 6.60
C GLY A 30 5.31 -1.40 5.39
N PHE A 31 4.98 -2.09 4.30
CA PHE A 31 4.61 -1.44 3.03
C PHE A 31 3.23 -1.95 2.66
N CYS A 32 2.46 -1.08 2.01
CA CYS A 32 1.12 -1.34 1.54
C CYS A 32 1.16 -2.27 0.34
N GLY A 33 0.13 -3.07 0.19
CA GLY A 33 0.05 -4.06 -0.89
C GLY A 33 -1.39 -4.35 -1.30
N GLY A 1 -8.17 -4.07 -5.56
CA GLY A 1 -6.79 -3.79 -5.30
C GLY A 1 -6.49 -2.33 -5.50
N CYS A 2 -5.26 -1.90 -5.36
CA CYS A 2 -4.87 -0.49 -5.48
C CYS A 2 -4.81 0.00 -6.89
N PRO A 3 -4.85 1.33 -7.10
CA PRO A 3 -4.74 1.72 -8.51
C PRO A 3 -3.34 1.46 -9.05
N ARG A 4 -3.23 1.21 -10.34
CA ARG A 4 -1.96 0.83 -10.96
C ARG A 4 -1.59 1.72 -12.12
N PRO A 5 -1.31 3.05 -11.90
CA PRO A 5 -0.96 3.92 -13.00
C PRO A 5 0.45 3.72 -13.62
N ARG A 6 1.32 3.01 -12.87
CA ARG A 6 2.70 2.77 -13.29
C ARG A 6 2.96 1.33 -12.94
N GLY A 7 3.71 0.62 -13.79
CA GLY A 7 3.96 -0.82 -13.58
C GLY A 7 5.14 -0.99 -12.68
N ASP A 8 5.97 0.04 -12.55
CA ASP A 8 7.16 0.05 -11.69
C ASP A 8 6.98 0.91 -10.46
N ASN A 9 5.74 1.18 -10.09
CA ASN A 9 5.47 2.11 -9.02
C ASN A 9 6.08 1.64 -7.67
N PRO A 10 6.70 2.57 -6.92
CA PRO A 10 7.30 2.19 -5.64
C PRO A 10 6.27 1.89 -4.57
N PRO A 11 6.68 1.11 -3.55
CA PRO A 11 5.70 0.96 -2.48
C PRO A 11 5.61 2.17 -1.62
N LEU A 12 4.53 2.23 -0.84
CA LEU A 12 4.34 3.28 0.17
C LEU A 12 4.32 2.60 1.53
N THR A 13 4.75 3.31 2.57
CA THR A 13 4.82 2.70 3.91
C THR A 13 3.51 2.78 4.65
N CYS A 14 3.30 1.81 5.52
CA CYS A 14 2.13 1.79 6.38
C CYS A 14 2.46 1.15 7.72
N SER A 15 1.58 1.31 8.72
CA SER A 15 1.77 0.70 10.02
C SER A 15 0.45 0.07 10.47
N GLN A 16 -0.59 0.36 9.72
CA GLN A 16 -1.90 -0.25 9.95
C GLN A 16 -2.54 -0.38 8.54
N ASP A 17 -3.60 -1.17 8.45
CA ASP A 17 -4.39 -1.29 7.23
C ASP A 17 -5.13 0.02 6.91
N SER A 18 -5.50 0.75 7.97
CA SER A 18 -6.23 2.02 7.77
C SER A 18 -5.39 3.11 7.07
N ASP A 19 -4.07 2.90 6.96
CA ASP A 19 -3.21 3.84 6.23
C ASP A 19 -3.46 3.73 4.75
N CYS A 20 -4.01 2.60 4.33
CA CYS A 20 -4.23 2.28 2.91
C CYS A 20 -5.68 2.51 2.49
N LEU A 21 -5.92 2.46 1.18
CA LEU A 21 -7.23 2.65 0.61
C LEU A 21 -8.04 1.35 0.82
N ALA A 22 -9.36 1.46 0.73
CA ALA A 22 -10.19 0.27 0.78
C ALA A 22 -9.81 -0.57 -0.46
N GLY A 23 -9.56 -1.88 -0.25
CA GLY A 23 -9.02 -2.73 -1.34
C GLY A 23 -7.51 -2.92 -1.31
N CYS A 24 -6.85 -2.19 -0.44
CA CYS A 24 -5.38 -2.24 -0.29
C CYS A 24 -5.20 -2.69 1.15
N VAL A 25 -4.11 -3.37 1.45
CA VAL A 25 -3.86 -3.91 2.80
C VAL A 25 -2.44 -3.54 3.25
N CYS A 26 -2.17 -3.61 4.53
CA CYS A 26 -0.87 -3.29 5.06
C CYS A 26 -0.14 -4.60 5.40
N GLY A 27 1.06 -4.80 4.86
CA GLY A 27 1.73 -6.06 5.04
C GLY A 27 2.84 -6.09 6.09
N PRO A 28 3.45 -7.27 6.27
CA PRO A 28 4.58 -7.48 7.23
C PRO A 28 5.84 -6.73 6.93
N ASN A 29 6.01 -6.22 5.70
CA ASN A 29 7.23 -5.48 5.33
C ASN A 29 7.05 -4.00 5.71
N GLY A 30 5.89 -3.62 6.23
CA GLY A 30 5.65 -2.22 6.61
C GLY A 30 5.28 -1.41 5.38
N PHE A 31 4.94 -2.10 4.30
CA PHE A 31 4.55 -1.47 3.02
C PHE A 31 3.15 -1.94 2.70
N CYS A 32 2.40 -1.07 2.01
CA CYS A 32 1.05 -1.34 1.55
C CYS A 32 1.11 -2.21 0.31
N GLY A 33 0.07 -3.02 0.13
CA GLY A 33 -0.03 -3.94 -1.01
C GLY A 33 -1.44 -3.94 -1.60
N GLY A 1 -3.19 -4.81 -4.78
CA GLY A 1 -4.21 -4.01 -5.47
C GLY A 1 -3.71 -2.63 -5.72
N CYS A 2 -4.48 -1.63 -5.28
CA CYS A 2 -4.08 -0.22 -5.25
C CYS A 2 -3.81 0.48 -6.61
N PRO A 3 -3.78 1.82 -6.62
CA PRO A 3 -3.44 2.41 -7.93
C PRO A 3 -1.99 2.11 -8.31
N ARG A 4 -1.74 1.91 -9.59
CA ARG A 4 -0.40 1.59 -10.05
C ARG A 4 0.52 2.79 -9.85
N PRO A 5 1.82 2.55 -9.59
CA PRO A 5 2.71 3.69 -9.42
C PRO A 5 2.99 4.45 -10.73
N ARG A 6 3.56 5.65 -10.59
CA ARG A 6 3.84 6.55 -11.72
C ARG A 6 4.99 6.09 -12.60
N GLY A 7 5.77 5.20 -12.04
CA GLY A 7 6.96 4.67 -12.68
C GLY A 7 7.24 3.46 -11.82
N ASP A 8 8.47 2.98 -11.78
CA ASP A 8 8.82 1.80 -10.96
C ASP A 8 8.93 2.10 -9.45
N ASN A 9 8.30 3.19 -9.03
CA ASN A 9 8.34 3.62 -7.64
C ASN A 9 7.82 2.53 -6.70
N PRO A 10 8.38 2.43 -5.48
CA PRO A 10 7.93 1.42 -4.52
C PRO A 10 6.57 1.74 -3.87
N PRO A 11 5.94 0.75 -3.21
CA PRO A 11 4.67 1.04 -2.54
C PRO A 11 4.83 1.96 -1.33
N LEU A 12 3.73 2.57 -0.91
CA LEU A 12 3.74 3.45 0.26
C LEU A 12 3.94 2.66 1.54
N THR A 13 4.52 3.31 2.54
CA THR A 13 4.74 2.71 3.84
C THR A 13 3.45 2.77 4.67
N CYS A 14 3.26 1.79 5.53
CA CYS A 14 2.08 1.72 6.37
C CYS A 14 2.48 1.00 7.65
N SER A 15 1.60 1.05 8.64
CA SER A 15 1.79 0.35 9.90
C SER A 15 0.47 -0.36 10.25
N GLN A 16 -0.63 0.19 9.75
CA GLN A 16 -1.94 -0.43 9.86
C GLN A 16 -2.54 -0.40 8.46
N ASP A 17 -3.56 -1.20 8.22
CA ASP A 17 -4.20 -1.28 6.90
C ASP A 17 -4.96 0.01 6.61
N SER A 18 -5.37 0.68 7.67
CA SER A 18 -6.08 1.94 7.56
C SER A 18 -5.24 3.10 7.00
N ASP A 19 -3.93 2.87 6.82
CA ASP A 19 -3.04 3.88 6.23
C ASP A 19 -3.14 3.81 4.69
N CYS A 20 -3.75 2.74 4.21
CA CYS A 20 -3.85 2.48 2.78
C CYS A 20 -5.20 2.89 2.19
N LEU A 21 -5.29 2.82 0.86
CA LEU A 21 -6.55 3.04 0.16
C LEU A 21 -7.46 1.87 0.49
N ALA A 22 -8.76 2.10 0.49
CA ALA A 22 -9.70 1.02 0.70
C ALA A 22 -9.51 -0.02 -0.41
N GLY A 23 -9.44 -1.28 -0.04
CA GLY A 23 -9.18 -2.34 -1.00
C GLY A 23 -7.72 -2.73 -1.03
N CYS A 24 -6.91 -2.10 -0.18
CA CYS A 24 -5.50 -2.44 -0.03
C CYS A 24 -5.29 -2.81 1.43
N VAL A 25 -4.19 -3.47 1.74
CA VAL A 25 -3.87 -3.85 3.12
C VAL A 25 -2.42 -3.50 3.42
N CYS A 26 -2.06 -3.48 4.71
CA CYS A 26 -0.68 -3.24 5.09
C CYS A 26 0.00 -4.60 5.26
N GLY A 27 1.14 -4.78 4.59
CA GLY A 27 1.84 -6.05 4.66
C GLY A 27 2.88 -6.10 5.78
N PRO A 28 3.43 -7.29 6.06
CA PRO A 28 4.43 -7.48 7.15
C PRO A 28 5.71 -6.68 7.00
N ASN A 29 5.97 -6.16 5.81
CA ASN A 29 7.20 -5.42 5.55
C ASN A 29 7.05 -3.94 5.89
N GLY A 30 5.88 -3.54 6.36
CA GLY A 30 5.63 -2.13 6.65
C GLY A 30 5.33 -1.36 5.37
N PHE A 31 4.92 -2.09 4.34
CA PHE A 31 4.57 -1.51 3.05
C PHE A 31 3.20 -1.99 2.64
N CYS A 32 2.48 -1.16 1.93
CA CYS A 32 1.12 -1.47 1.51
C CYS A 32 1.11 -2.47 0.34
N GLY A 33 0.00 -3.17 0.14
CA GLY A 33 -0.13 -4.08 -0.98
C GLY A 33 -1.58 -4.26 -1.38
N GLY A 1 -7.42 -0.10 -7.50
CA GLY A 1 -6.44 -0.46 -6.51
C GLY A 1 -5.54 0.71 -6.20
N CYS A 2 -4.52 0.54 -5.38
CA CYS A 2 -3.62 1.62 -4.96
C CYS A 2 -2.84 2.14 -6.16
N PRO A 3 -2.67 3.46 -6.27
CA PRO A 3 -2.18 3.94 -7.57
C PRO A 3 -0.68 3.74 -7.85
N ARG A 4 -0.34 3.70 -9.12
CA ARG A 4 1.04 3.66 -9.56
C ARG A 4 1.18 4.82 -10.54
N PRO A 5 1.29 6.08 -10.07
CA PRO A 5 1.35 7.23 -10.95
C PRO A 5 2.59 7.37 -11.84
N ARG A 6 3.67 6.69 -11.47
CA ARG A 6 4.89 6.72 -12.28
C ARG A 6 5.00 5.38 -13.00
N GLY A 7 4.64 4.30 -12.29
CA GLY A 7 4.69 2.95 -12.86
C GLY A 7 5.95 2.27 -12.45
N ASP A 8 6.96 3.07 -12.11
CA ASP A 8 8.24 2.60 -11.55
C ASP A 8 8.28 2.89 -10.06
N ASN A 9 7.22 3.47 -9.55
CA ASN A 9 7.25 3.91 -8.14
C ASN A 9 7.09 2.75 -7.14
N PRO A 10 7.86 2.77 -6.04
CA PRO A 10 7.77 1.73 -5.01
C PRO A 10 6.46 1.78 -4.24
N PRO A 11 6.15 0.72 -3.48
CA PRO A 11 4.95 0.85 -2.67
C PRO A 11 5.08 1.86 -1.55
N LEU A 12 3.95 2.43 -1.12
CA LEU A 12 3.92 3.36 0.00
C LEU A 12 4.08 2.61 1.32
N THR A 13 4.50 3.30 2.38
CA THR A 13 4.67 2.69 3.70
C THR A 13 3.37 2.65 4.45
N CYS A 14 3.28 1.76 5.42
CA CYS A 14 2.11 1.69 6.30
C CYS A 14 2.49 1.11 7.66
N SER A 15 1.59 1.23 8.65
CA SER A 15 1.78 0.60 9.94
C SER A 15 0.52 -0.11 10.38
N GLN A 16 -0.57 0.20 9.68
CA GLN A 16 -1.85 -0.46 9.91
C GLN A 16 -2.52 -0.55 8.52
N ASP A 17 -3.55 -1.37 8.45
CA ASP A 17 -4.40 -1.43 7.28
C ASP A 17 -5.09 -0.11 6.93
N SER A 18 -5.48 0.63 7.96
CA SER A 18 -6.14 1.92 7.76
C SER A 18 -5.24 2.97 7.08
N ASP A 19 -3.92 2.75 7.00
CA ASP A 19 -3.01 3.71 6.34
C ASP A 19 -3.15 3.61 4.86
N CYS A 20 -3.83 2.58 4.40
CA CYS A 20 -4.03 2.34 2.96
C CYS A 20 -5.45 2.66 2.52
N LEU A 21 -5.67 2.66 1.21
CA LEU A 21 -6.97 2.95 0.66
C LEU A 21 -7.86 1.72 0.83
N ALA A 22 -9.15 1.93 0.78
CA ALA A 22 -10.08 0.79 0.83
C ALA A 22 -9.76 -0.08 -0.42
N GLY A 23 -9.51 -1.38 -0.21
CA GLY A 23 -9.06 -2.27 -1.29
C GLY A 23 -7.58 -2.58 -1.30
N CYS A 24 -6.84 -1.96 -0.41
CA CYS A 24 -5.39 -2.17 -0.28
C CYS A 24 -5.23 -2.62 1.15
N VAL A 25 -4.14 -3.28 1.49
CA VAL A 25 -3.93 -3.76 2.87
C VAL A 25 -2.50 -3.45 3.30
N CYS A 26 -2.21 -3.58 4.57
CA CYS A 26 -0.87 -3.34 5.08
C CYS A 26 -0.14 -4.68 5.36
N GLY A 27 1.04 -4.88 4.78
CA GLY A 27 1.73 -6.14 4.93
C GLY A 27 2.78 -6.13 6.05
N PRO A 28 3.45 -7.30 6.23
CA PRO A 28 4.48 -7.42 7.32
C PRO A 28 5.81 -6.72 7.06
N ASN A 29 5.99 -6.21 5.84
CA ASN A 29 7.23 -5.46 5.50
C ASN A 29 7.04 -3.97 5.88
N GLY A 30 5.85 -3.57 6.33
CA GLY A 30 5.58 -2.17 6.67
C GLY A 30 5.34 -1.35 5.41
N PHE A 31 4.97 -2.06 4.34
CA PHE A 31 4.62 -1.42 3.06
C PHE A 31 3.25 -1.95 2.65
N CYS A 32 2.48 -1.09 2.00
CA CYS A 32 1.13 -1.38 1.56
C CYS A 32 1.20 -2.33 0.38
N GLY A 33 0.19 -3.16 0.28
CA GLY A 33 0.11 -4.19 -0.76
C GLY A 33 -1.35 -4.53 -1.01
N GLY A 1 -3.26 -5.28 -6.40
CA GLY A 1 -2.73 -4.37 -5.45
C GLY A 1 -3.19 -2.96 -5.73
N CYS A 2 -2.70 -1.99 -4.97
CA CYS A 2 -3.12 -0.59 -5.11
C CYS A 2 -2.72 0.08 -6.40
N PRO A 3 -3.48 1.10 -6.85
CA PRO A 3 -3.11 1.71 -8.12
C PRO A 3 -1.92 2.65 -8.02
N ARG A 4 -1.22 2.83 -9.13
CA ARG A 4 -0.04 3.67 -9.21
C ARG A 4 0.04 4.07 -10.64
N PRO A 5 0.57 5.31 -10.95
CA PRO A 5 0.66 5.81 -12.32
C PRO A 5 1.71 5.17 -13.24
N ARG A 6 2.73 4.56 -12.63
CA ARG A 6 3.79 3.88 -13.35
C ARG A 6 4.05 2.72 -12.44
N GLY A 7 4.63 1.64 -12.96
CA GLY A 7 4.84 0.44 -12.13
C GLY A 7 6.23 0.38 -11.55
N ASP A 8 6.98 1.46 -11.65
CA ASP A 8 8.35 1.48 -11.12
C ASP A 8 8.36 1.96 -9.68
N ASN A 9 7.44 2.84 -9.29
CA ASN A 9 7.51 3.39 -7.94
C ASN A 9 7.12 2.40 -6.85
N PRO A 10 7.79 2.47 -5.68
CA PRO A 10 7.50 1.53 -4.61
C PRO A 10 6.16 1.74 -3.92
N PRO A 11 5.67 0.70 -3.25
CA PRO A 11 4.47 0.95 -2.46
C PRO A 11 4.70 1.90 -1.31
N LEU A 12 3.63 2.59 -0.86
CA LEU A 12 3.74 3.51 0.29
C LEU A 12 3.96 2.74 1.58
N THR A 13 4.53 3.39 2.60
CA THR A 13 4.72 2.75 3.91
C THR A 13 3.43 2.74 4.67
N CYS A 14 3.26 1.76 5.54
CA CYS A 14 2.08 1.67 6.39
C CYS A 14 2.41 0.97 7.71
N SER A 15 1.47 0.99 8.67
CA SER A 15 1.59 0.21 9.88
C SER A 15 0.25 -0.45 10.22
N GLN A 16 -0.80 0.05 9.59
CA GLN A 16 -2.13 -0.55 9.67
C GLN A 16 -2.65 -0.46 8.21
N ASP A 17 -3.71 -1.17 7.88
CA ASP A 17 -4.30 -1.08 6.55
C ASP A 17 -5.01 0.26 6.33
N SER A 18 -5.44 0.87 7.41
CA SER A 18 -6.11 2.19 7.36
C SER A 18 -5.17 3.32 6.87
N ASP A 19 -3.87 3.06 6.81
CA ASP A 19 -2.92 4.07 6.30
C ASP A 19 -2.99 4.15 4.80
N CYS A 20 -3.58 3.14 4.21
CA CYS A 20 -3.66 3.00 2.74
C CYS A 20 -5.08 3.22 2.21
N LEU A 21 -5.28 2.89 0.92
CA LEU A 21 -6.54 3.15 0.26
C LEU A 21 -7.52 2.07 0.72
N ALA A 22 -8.82 2.37 0.64
CA ALA A 22 -9.84 1.38 1.04
C ALA A 22 -9.68 0.18 0.07
N GLY A 23 -9.62 -1.04 0.63
CA GLY A 23 -9.40 -2.27 -0.17
C GLY A 23 -7.94 -2.72 -0.29
N CYS A 24 -7.01 -1.85 0.05
CA CYS A 24 -5.59 -2.22 0.03
C CYS A 24 -5.31 -2.83 1.39
N VAL A 25 -4.19 -3.50 1.55
CA VAL A 25 -3.84 -4.09 2.87
C VAL A 25 -2.46 -3.61 3.32
N CYS A 26 -2.06 -3.94 4.52
CA CYS A 26 -0.77 -3.57 5.04
C CYS A 26 0.02 -4.84 5.41
N GLY A 27 1.14 -5.09 4.78
CA GLY A 27 1.88 -6.31 5.03
C GLY A 27 2.91 -6.16 6.16
N PRO A 28 3.59 -7.28 6.47
CA PRO A 28 4.60 -7.23 7.57
C PRO A 28 5.89 -6.50 7.21
N ASN A 29 6.13 -6.23 5.91
CA ASN A 29 7.34 -5.46 5.49
C ASN A 29 7.11 -3.96 5.78
N GLY A 30 5.94 -3.56 6.25
CA GLY A 30 5.66 -2.15 6.56
C GLY A 30 5.34 -1.34 5.33
N PHE A 31 4.96 -2.05 4.28
CA PHE A 31 4.55 -1.42 3.00
C PHE A 31 3.18 -1.96 2.61
N CYS A 32 2.39 -1.08 1.99
CA CYS A 32 1.03 -1.38 1.54
C CYS A 32 1.05 -2.32 0.36
N GLY A 33 0.06 -3.20 0.34
CA GLY A 33 -0.10 -4.17 -0.74
C GLY A 33 -1.35 -3.88 -1.53
N GLY A 1 -1.12 -3.43 -5.19
CA GLY A 1 -2.39 -2.87 -5.63
C GLY A 1 -2.35 -1.34 -5.59
N CYS A 2 -3.54 -0.74 -5.39
CA CYS A 2 -3.73 0.72 -5.22
C CYS A 2 -3.31 1.66 -6.37
N PRO A 3 -3.88 2.88 -6.46
CA PRO A 3 -3.45 3.70 -7.62
C PRO A 3 -2.07 4.36 -7.45
N ARG A 4 -1.39 4.64 -8.54
CA ARG A 4 -0.11 5.28 -8.48
C ARG A 4 -0.11 6.30 -9.58
N PRO A 5 0.54 7.49 -9.40
CA PRO A 5 0.64 8.48 -10.47
C PRO A 5 1.64 8.10 -11.56
N ARG A 6 2.56 7.20 -11.22
CA ARG A 6 3.60 6.76 -12.17
C ARG A 6 3.83 5.24 -12.08
N GLY A 7 3.99 4.73 -10.87
CA GLY A 7 4.09 3.29 -10.62
C GLY A 7 5.51 2.79 -10.67
N ASP A 8 6.42 3.67 -11.05
CA ASP A 8 7.85 3.36 -11.03
C ASP A 8 8.42 3.60 -9.64
N ASN A 9 7.60 4.17 -8.79
CA ASN A 9 7.98 4.56 -7.44
C ASN A 9 7.88 3.30 -6.55
N PRO A 10 8.61 3.27 -5.41
CA PRO A 10 8.52 2.15 -4.45
C PRO A 10 7.14 2.02 -3.81
N PRO A 11 6.89 0.90 -3.14
CA PRO A 11 5.59 0.94 -2.44
C PRO A 11 5.55 1.95 -1.32
N LEU A 12 4.34 2.43 -1.01
CA LEU A 12 4.16 3.40 0.09
C LEU A 12 4.16 2.69 1.45
N THR A 13 4.55 3.40 2.51
CA THR A 13 4.64 2.80 3.84
C THR A 13 3.29 2.67 4.49
N CYS A 14 3.21 1.76 5.46
CA CYS A 14 2.04 1.67 6.29
C CYS A 14 2.39 1.16 7.69
N SER A 15 1.49 1.34 8.64
CA SER A 15 1.70 0.84 9.98
C SER A 15 0.39 0.18 10.43
N GLN A 16 -0.70 0.57 9.79
CA GLN A 16 -1.98 -0.10 9.96
C GLN A 16 -2.61 -0.19 8.54
N ASP A 17 -3.68 -0.97 8.41
CA ASP A 17 -4.41 -1.11 7.17
C ASP A 17 -5.11 0.20 6.79
N SER A 18 -5.42 1.02 7.76
CA SER A 18 -6.11 2.29 7.46
C SER A 18 -5.18 3.28 6.71
N ASP A 19 -3.86 3.03 6.68
CA ASP A 19 -2.94 3.87 5.92
C ASP A 19 -3.16 3.66 4.45
N CYS A 20 -3.84 2.56 4.12
CA CYS A 20 -4.13 2.18 2.73
C CYS A 20 -5.60 2.49 2.36
N LEU A 21 -5.93 2.31 1.08
CA LEU A 21 -7.27 2.53 0.60
C LEU A 21 -8.07 1.27 0.94
N ALA A 22 -9.38 1.38 0.97
CA ALA A 22 -10.23 0.18 1.21
C ALA A 22 -9.96 -0.74 -0.02
N GLY A 23 -9.64 -2.01 0.28
CA GLY A 23 -9.23 -2.96 -0.77
C GLY A 23 -7.71 -3.14 -0.90
N CYS A 24 -6.97 -2.31 -0.20
CA CYS A 24 -5.50 -2.40 -0.16
C CYS A 24 -5.22 -2.77 1.28
N VAL A 25 -4.11 -3.41 1.56
CA VAL A 25 -3.81 -3.89 2.95
C VAL A 25 -2.37 -3.55 3.36
N CYS A 26 -2.09 -3.64 4.64
CA CYS A 26 -0.77 -3.34 5.16
C CYS A 26 0.03 -4.64 5.47
N GLY A 27 1.11 -4.89 4.75
CA GLY A 27 1.79 -6.16 4.88
C GLY A 27 2.90 -6.23 5.93
N PRO A 28 3.51 -7.44 6.07
CA PRO A 28 4.62 -7.64 7.03
C PRO A 28 5.89 -6.86 6.78
N ASN A 29 6.08 -6.34 5.57
CA ASN A 29 7.30 -5.58 5.27
C ASN A 29 7.11 -4.12 5.76
N GLY A 30 5.91 -3.76 6.21
CA GLY A 30 5.64 -2.38 6.65
C GLY A 30 5.31 -1.46 5.48
N PHE A 31 4.93 -2.10 4.38
CA PHE A 31 4.54 -1.40 3.12
C PHE A 31 3.19 -1.91 2.71
N CYS A 32 2.42 -1.00 2.10
CA CYS A 32 1.06 -1.25 1.61
C CYS A 32 1.13 -2.10 0.34
N GLY A 33 0.11 -2.91 0.14
CA GLY A 33 0.01 -3.81 -1.04
C GLY A 33 -1.44 -3.99 -1.46
N GLY A 1 -7.33 0.13 -6.99
CA GLY A 1 -6.28 -0.68 -6.39
C GLY A 1 -5.12 0.22 -5.99
N CYS A 2 -4.07 -0.34 -5.45
CA CYS A 2 -2.95 0.41 -4.88
C CYS A 2 -2.06 1.01 -5.93
N PRO A 3 -1.58 2.24 -5.74
CA PRO A 3 -0.71 2.75 -6.82
C PRO A 3 0.68 2.14 -6.82
N ARG A 4 1.31 2.07 -7.97
CA ARG A 4 2.64 1.51 -8.02
C ARG A 4 3.65 2.70 -7.94
N PRO A 5 4.88 2.48 -7.45
CA PRO A 5 5.82 3.59 -7.27
C PRO A 5 6.41 4.04 -8.62
N ARG A 6 6.96 5.25 -8.64
CA ARG A 6 7.45 5.87 -9.89
C ARG A 6 8.52 4.98 -10.54
N GLY A 7 9.34 4.35 -9.70
CA GLY A 7 10.24 3.29 -10.15
C GLY A 7 11.44 3.03 -9.27
N ASP A 8 12.14 4.10 -8.85
CA ASP A 8 13.35 3.96 -8.02
C ASP A 8 12.96 3.99 -6.55
N ASN A 9 11.84 4.62 -6.27
CA ASN A 9 11.38 4.72 -4.89
C ASN A 9 10.56 3.45 -4.51
N PRO A 10 10.59 3.04 -3.23
CA PRO A 10 9.83 1.87 -2.78
C PRO A 10 8.31 2.11 -2.79
N PRO A 11 7.52 1.02 -2.68
CA PRO A 11 6.08 1.25 -2.53
C PRO A 11 5.76 2.02 -1.26
N LEU A 12 4.54 2.57 -1.17
CA LEU A 12 4.14 3.38 -0.01
C LEU A 12 4.13 2.56 1.27
N THR A 13 4.41 3.25 2.40
CA THR A 13 4.50 2.59 3.70
C THR A 13 3.20 2.62 4.46
N CYS A 14 3.09 1.79 5.50
CA CYS A 14 1.92 1.78 6.33
C CYS A 14 2.30 1.24 7.72
N SER A 15 1.50 1.55 8.76
CA SER A 15 1.75 1.01 10.09
C SER A 15 0.50 0.27 10.58
N GLN A 16 -0.58 0.47 9.87
CA GLN A 16 -1.81 -0.25 10.14
C GLN A 16 -2.47 -0.46 8.74
N ASP A 17 -3.44 -1.37 8.68
CA ASP A 17 -4.25 -1.56 7.50
C ASP A 17 -4.96 -0.27 7.07
N SER A 18 -5.44 0.47 8.06
CA SER A 18 -6.15 1.73 7.79
C SER A 18 -5.32 2.82 7.09
N ASP A 19 -3.99 2.68 7.05
CA ASP A 19 -3.10 3.68 6.41
C ASP A 19 -3.15 3.56 4.92
N CYS A 20 -3.76 2.50 4.43
CA CYS A 20 -3.83 2.24 2.98
C CYS A 20 -5.10 2.75 2.30
N LEU A 21 -5.14 2.62 0.98
CA LEU A 21 -6.25 3.10 0.19
C LEU A 21 -7.36 2.05 0.28
N ALA A 22 -8.58 2.45 -0.06
CA ALA A 22 -9.72 1.51 0.01
C ALA A 22 -9.44 0.31 -0.92
N GLY A 23 -9.50 -0.90 -0.34
CA GLY A 23 -9.17 -2.13 -1.07
C GLY A 23 -7.74 -2.67 -0.91
N CYS A 24 -6.87 -1.88 -0.30
CA CYS A 24 -5.46 -2.27 -0.13
C CYS A 24 -5.29 -2.66 1.32
N VAL A 25 -4.26 -3.40 1.62
CA VAL A 25 -4.03 -3.82 3.02
C VAL A 25 -2.58 -3.51 3.38
N CYS A 26 -2.26 -3.56 4.67
CA CYS A 26 -0.90 -3.32 5.12
C CYS A 26 -0.13 -4.63 5.26
N GLY A 27 1.07 -4.70 4.74
CA GLY A 27 1.83 -5.94 4.79
C GLY A 27 2.84 -6.02 5.94
N PRO A 28 3.46 -7.22 6.08
CA PRO A 28 4.44 -7.42 7.20
C PRO A 28 5.82 -6.76 7.01
N ASN A 29 6.10 -6.27 5.79
CA ASN A 29 7.35 -5.56 5.54
C ASN A 29 7.16 -4.05 5.81
N GLY A 30 5.97 -3.62 6.23
CA GLY A 30 5.72 -2.22 6.53
C GLY A 30 5.33 -1.41 5.29
N PHE A 31 5.06 -2.13 4.23
CA PHE A 31 4.64 -1.51 2.94
C PHE A 31 3.22 -1.96 2.66
N CYS A 32 2.46 -1.10 1.97
CA CYS A 32 1.10 -1.41 1.57
C CYS A 32 1.17 -2.38 0.42
N GLY A 33 0.15 -3.19 0.28
CA GLY A 33 0.09 -4.24 -0.73
C GLY A 33 -1.35 -4.45 -1.20
N GLY A 1 -6.27 -4.39 -4.62
CA GLY A 1 -5.36 -3.23 -4.82
C GLY A 1 -6.09 -1.92 -4.74
N CYS A 2 -5.35 -0.84 -4.60
CA CYS A 2 -5.91 0.51 -4.46
C CYS A 2 -6.54 0.98 -5.78
N PRO A 3 -7.49 1.92 -5.71
CA PRO A 3 -8.11 2.39 -6.96
C PRO A 3 -7.23 3.37 -7.74
N ARG A 4 -7.57 3.57 -9.01
CA ARG A 4 -6.86 4.52 -9.91
C ARG A 4 -5.35 4.20 -10.06
N PRO A 5 -5.00 3.22 -10.93
CA PRO A 5 -3.60 2.87 -11.18
C PRO A 5 -2.74 4.05 -11.63
N ARG A 6 -1.47 4.01 -11.26
CA ARG A 6 -0.53 5.12 -11.49
C ARG A 6 0.69 4.69 -12.29
N GLY A 7 0.68 3.44 -12.71
CA GLY A 7 1.84 2.84 -13.36
C GLY A 7 2.54 1.92 -12.39
N ASP A 8 3.79 1.58 -12.69
CA ASP A 8 4.62 0.62 -11.91
C ASP A 8 5.11 1.19 -10.58
N ASN A 9 4.46 2.24 -10.10
CA ASN A 9 4.85 2.93 -8.88
C ASN A 9 4.99 2.02 -7.63
N PRO A 10 5.96 2.33 -6.74
CA PRO A 10 6.16 1.49 -5.55
C PRO A 10 5.07 1.68 -4.49
N PRO A 11 4.91 0.70 -3.58
CA PRO A 11 3.89 0.90 -2.55
C PRO A 11 4.30 1.92 -1.49
N LEU A 12 3.30 2.52 -0.85
CA LEU A 12 3.53 3.44 0.26
C LEU A 12 3.84 2.62 1.53
N THR A 13 4.47 3.27 2.50
CA THR A 13 4.73 2.64 3.79
C THR A 13 3.44 2.68 4.61
N CYS A 14 3.28 1.76 5.54
CA CYS A 14 2.09 1.68 6.37
C CYS A 14 2.45 0.94 7.66
N SER A 15 1.59 1.05 8.64
CA SER A 15 1.72 0.33 9.89
C SER A 15 0.39 -0.35 10.24
N GLN A 16 -0.68 0.10 9.60
CA GLN A 16 -2.00 -0.49 9.74
C GLN A 16 -2.61 -0.41 8.34
N ASP A 17 -3.63 -1.20 8.06
CA ASP A 17 -4.26 -1.22 6.72
C ASP A 17 -5.02 0.09 6.48
N SER A 18 -5.43 0.72 7.57
CA SER A 18 -6.11 2.01 7.55
C SER A 18 -5.28 3.15 6.95
N ASP A 19 -3.98 2.94 6.81
CA ASP A 19 -3.09 3.95 6.23
C ASP A 19 -3.21 3.96 4.71
N CYS A 20 -3.81 2.92 4.17
CA CYS A 20 -3.96 2.76 2.73
C CYS A 20 -5.42 3.00 2.32
N LEU A 21 -5.66 3.09 1.02
CA LEU A 21 -7.02 3.26 0.52
C LEU A 21 -7.73 1.92 0.61
N ALA A 22 -9.04 1.94 0.75
CA ALA A 22 -9.82 0.73 0.77
C ALA A 22 -9.53 -0.05 -0.51
N GLY A 23 -9.29 -1.34 -0.37
CA GLY A 23 -8.90 -2.18 -1.49
C GLY A 23 -7.44 -2.59 -1.36
N CYS A 24 -6.72 -1.91 -0.49
CA CYS A 24 -5.33 -2.24 -0.19
C CYS A 24 -5.27 -2.70 1.27
N VAL A 25 -4.17 -3.32 1.64
CA VAL A 25 -3.92 -3.80 3.02
C VAL A 25 -2.49 -3.44 3.37
N CYS A 26 -2.12 -3.55 4.64
CA CYS A 26 -0.74 -3.31 5.06
C CYS A 26 -0.05 -4.65 5.26
N GLY A 27 1.13 -4.80 4.66
CA GLY A 27 1.84 -6.07 4.74
C GLY A 27 2.91 -6.09 5.83
N PRO A 28 3.47 -7.26 6.15
CA PRO A 28 4.48 -7.43 7.21
C PRO A 28 5.78 -6.63 7.03
N ASN A 29 6.01 -6.15 5.81
CA ASN A 29 7.24 -5.41 5.51
C ASN A 29 7.12 -3.95 5.89
N GLY A 30 5.96 -3.53 6.38
CA GLY A 30 5.74 -2.12 6.68
C GLY A 30 5.41 -1.36 5.42
N PHE A 31 4.99 -2.08 4.39
CA PHE A 31 4.61 -1.50 3.10
C PHE A 31 3.25 -2.03 2.72
N CYS A 32 2.52 -1.19 2.00
CA CYS A 32 1.16 -1.50 1.57
C CYS A 32 1.17 -2.56 0.45
N GLY A 33 0.02 -3.19 0.22
CA GLY A 33 -0.12 -4.19 -0.84
C GLY A 33 -1.57 -4.29 -1.25
N GLY A 1 -7.68 -2.25 -6.04
CA GLY A 1 -6.31 -2.09 -5.52
C GLY A 1 -5.81 -0.67 -5.71
N CYS A 2 -4.68 -0.35 -5.10
CA CYS A 2 -4.16 1.02 -5.07
C CYS A 2 -3.64 1.41 -6.49
N PRO A 3 -3.55 2.71 -6.78
CA PRO A 3 -3.15 3.14 -8.11
C PRO A 3 -1.67 2.89 -8.44
N ARG A 4 -1.41 2.54 -9.69
CA ARG A 4 -0.06 2.23 -10.14
C ARG A 4 0.25 3.04 -11.41
N PRO A 5 0.59 4.34 -11.23
CA PRO A 5 0.75 5.19 -12.43
C PRO A 5 2.07 4.98 -13.20
N ARG A 6 3.00 4.17 -12.66
CA ARG A 6 4.27 3.90 -13.31
C ARG A 6 4.50 2.42 -13.54
N GLY A 7 4.13 1.60 -12.56
CA GLY A 7 4.43 0.18 -12.62
C GLY A 7 5.88 -0.12 -12.26
N ASP A 8 6.56 0.93 -11.80
CA ASP A 8 7.99 0.88 -11.46
C ASP A 8 8.29 1.40 -10.04
N ASN A 9 7.43 2.29 -9.55
CA ASN A 9 7.69 2.93 -8.28
C ASN A 9 7.25 1.99 -7.13
N PRO A 10 7.92 2.05 -5.97
CA PRO A 10 7.65 1.15 -4.85
C PRO A 10 6.35 1.46 -4.07
N PRO A 11 5.87 0.50 -3.28
CA PRO A 11 4.64 0.78 -2.53
C PRO A 11 4.85 1.81 -1.42
N LEU A 12 3.74 2.40 -0.98
CA LEU A 12 3.76 3.37 0.10
C LEU A 12 3.93 2.63 1.44
N THR A 13 4.47 3.30 2.43
CA THR A 13 4.69 2.70 3.76
C THR A 13 3.40 2.72 4.59
N CYS A 14 3.27 1.78 5.50
CA CYS A 14 2.10 1.68 6.37
C CYS A 14 2.50 0.96 7.65
N SER A 15 1.59 0.99 8.59
CA SER A 15 1.78 0.33 9.90
C SER A 15 0.48 -0.37 10.28
N GLN A 16 -0.65 0.15 9.81
CA GLN A 16 -1.96 -0.45 9.96
C GLN A 16 -2.63 -0.38 8.58
N ASP A 17 -3.67 -1.16 8.35
CA ASP A 17 -4.35 -1.21 7.03
C ASP A 17 -5.03 0.11 6.72
N SER A 18 -5.40 0.83 7.76
CA SER A 18 -6.11 2.09 7.63
C SER A 18 -5.22 3.21 7.02
N ASP A 19 -3.95 2.92 6.86
CA ASP A 19 -2.99 3.87 6.24
C ASP A 19 -3.14 3.78 4.73
N CYS A 20 -3.89 2.82 4.26
CA CYS A 20 -4.05 2.57 2.83
C CYS A 20 -5.45 2.87 2.34
N LEU A 21 -5.62 2.85 1.03
CA LEU A 21 -6.93 3.05 0.44
C LEU A 21 -7.77 1.77 0.63
N ALA A 22 -9.07 1.91 0.59
CA ALA A 22 -9.95 0.78 0.75
C ALA A 22 -9.68 -0.22 -0.41
N GLY A 23 -9.48 -1.47 -0.03
CA GLY A 23 -9.14 -2.51 -1.00
C GLY A 23 -7.65 -2.78 -1.09
N CYS A 24 -6.87 -2.10 -0.27
CA CYS A 24 -5.43 -2.31 -0.18
C CYS A 24 -5.17 -2.76 1.26
N VAL A 25 -4.03 -3.37 1.53
CA VAL A 25 -3.70 -3.91 2.86
C VAL A 25 -2.32 -3.46 3.31
N CYS A 26 -2.01 -3.60 4.58
CA CYS A 26 -0.67 -3.31 5.09
C CYS A 26 0.05 -4.63 5.37
N GLY A 27 1.16 -4.86 4.69
CA GLY A 27 1.88 -6.11 4.80
C GLY A 27 2.94 -6.17 5.89
N PRO A 28 3.52 -7.35 6.17
CA PRO A 28 4.51 -7.51 7.24
C PRO A 28 5.79 -6.68 7.06
N ASN A 29 5.99 -6.17 5.86
CA ASN A 29 7.18 -5.43 5.51
C ASN A 29 7.04 -3.94 5.90
N GLY A 30 5.87 -3.55 6.38
CA GLY A 30 5.64 -2.13 6.66
C GLY A 30 5.33 -1.38 5.39
N PHE A 31 4.92 -2.11 4.37
CA PHE A 31 4.55 -1.52 3.08
C PHE A 31 3.18 -2.00 2.68
N CYS A 32 2.46 -1.12 2.02
CA CYS A 32 1.10 -1.38 1.58
C CYS A 32 1.11 -2.29 0.35
N GLY A 33 0.02 -3.01 0.15
CA GLY A 33 -0.13 -3.84 -1.03
C GLY A 33 -1.47 -3.60 -1.64
N GLY A 1 -5.48 -6.00 -1.58
CA GLY A 1 -4.71 -5.39 -2.67
C GLY A 1 -5.36 -4.12 -3.16
N CYS A 2 -4.56 -3.07 -3.33
CA CYS A 2 -5.10 -1.76 -3.71
C CYS A 2 -5.90 -1.81 -5.01
N PRO A 3 -6.99 -1.02 -5.09
CA PRO A 3 -7.79 -1.11 -6.31
C PRO A 3 -7.15 -0.36 -7.49
N ARG A 4 -7.23 -0.97 -8.67
CA ARG A 4 -6.68 -0.41 -9.92
C ARG A 4 -5.28 0.23 -9.75
N PRO A 5 -4.28 -0.57 -9.37
CA PRO A 5 -2.97 0.05 -9.12
C PRO A 5 -2.29 0.54 -10.39
N ARG A 6 -1.45 1.55 -10.25
CA ARG A 6 -0.75 2.14 -11.40
C ARG A 6 0.29 1.19 -12.00
N GLY A 7 1.05 0.51 -11.14
CA GLY A 7 2.13 -0.35 -11.60
C GLY A 7 3.43 0.40 -11.87
N ASP A 8 3.30 1.68 -12.17
CA ASP A 8 4.41 2.57 -12.51
C ASP A 8 4.81 3.43 -11.30
N ASN A 9 4.45 2.96 -10.12
CA ASN A 9 4.65 3.75 -8.90
C ASN A 9 5.25 2.87 -7.79
N PRO A 10 6.07 3.45 -6.90
CA PRO A 10 6.72 2.66 -5.84
C PRO A 10 5.76 2.34 -4.67
N PRO A 11 6.09 1.32 -3.85
CA PRO A 11 5.17 1.06 -2.74
C PRO A 11 5.26 2.13 -1.65
N LEU A 12 4.16 2.32 -0.92
CA LEU A 12 4.11 3.28 0.18
C LEU A 12 4.21 2.52 1.49
N THR A 13 4.69 3.19 2.53
CA THR A 13 4.80 2.57 3.84
C THR A 13 3.44 2.59 4.54
N CYS A 14 3.25 1.69 5.50
CA CYS A 14 2.04 1.64 6.29
C CYS A 14 2.39 0.96 7.61
N SER A 15 1.52 1.10 8.59
CA SER A 15 1.64 0.41 9.86
C SER A 15 0.30 -0.24 10.21
N GLN A 16 -0.75 0.18 9.51
CA GLN A 16 -2.08 -0.41 9.63
C GLN A 16 -2.67 -0.32 8.22
N ASP A 17 -3.72 -1.08 7.94
CA ASP A 17 -4.36 -1.06 6.61
C ASP A 17 -5.11 0.25 6.41
N SER A 18 -5.51 0.85 7.53
CA SER A 18 -6.21 2.13 7.55
C SER A 18 -5.41 3.30 6.98
N ASP A 19 -4.11 3.09 6.76
CA ASP A 19 -3.23 4.13 6.21
C ASP A 19 -3.42 4.23 4.69
N CYS A 20 -4.14 3.28 4.13
CA CYS A 20 -4.30 3.16 2.68
C CYS A 20 -5.77 3.18 2.26
N LEU A 21 -6.01 3.05 0.96
CA LEU A 21 -7.38 3.01 0.43
C LEU A 21 -8.05 1.74 0.91
N ALA A 22 -9.37 1.78 1.06
CA ALA A 22 -10.12 0.58 1.39
C ALA A 22 -9.89 -0.44 0.26
N GLY A 23 -9.53 -1.66 0.63
CA GLY A 23 -9.20 -2.69 -0.33
C GLY A 23 -7.71 -2.99 -0.32
N CYS A 24 -6.91 -1.98 0.00
CA CYS A 24 -5.48 -2.18 0.18
C CYS A 24 -5.29 -2.94 1.48
N VAL A 25 -4.13 -3.54 1.66
CA VAL A 25 -3.79 -4.20 2.91
C VAL A 25 -2.39 -3.74 3.29
N CYS A 26 -2.09 -3.70 4.58
CA CYS A 26 -0.76 -3.34 5.03
C CYS A 26 0.01 -4.65 5.24
N GLY A 27 1.15 -4.79 4.59
CA GLY A 27 1.89 -6.03 4.65
C GLY A 27 2.91 -6.07 5.76
N PRO A 28 3.45 -7.26 6.08
CA PRO A 28 4.42 -7.45 7.18
C PRO A 28 5.74 -6.70 7.02
N ASN A 29 6.02 -6.20 5.82
CA ASN A 29 7.25 -5.48 5.56
C ASN A 29 7.13 -3.98 5.90
N GLY A 30 5.96 -3.58 6.40
CA GLY A 30 5.73 -2.17 6.70
C GLY A 30 5.40 -1.38 5.45
N PHE A 31 4.99 -2.08 4.40
CA PHE A 31 4.62 -1.46 3.13
C PHE A 31 3.25 -1.94 2.71
N CYS A 32 2.51 -1.06 2.07
CA CYS A 32 1.13 -1.31 1.69
C CYS A 32 1.06 -1.98 0.31
N GLY A 33 -0.01 -2.73 0.05
CA GLY A 33 -0.18 -3.38 -1.24
C GLY A 33 -1.63 -3.61 -1.62
#